data_5D1P
#
_entry.id   5D1P
#
_cell.length_a   50.500
_cell.length_b   115.304
_cell.length_c   91.567
_cell.angle_alpha   90.00
_cell.angle_beta   104.55
_cell.angle_gamma   90.00
#
_symmetry.space_group_name_H-M   'P 1 21 1'
#
loop_
_entity.id
_entity.type
_entity.pdbx_description
1 polymer 'ATP-dependent RNA ligase'
2 non-polymer 'SULFATE ION'
3 non-polymer 'MAGNESIUM ION'
4 water water
#
_entity_poly.entity_id   1
_entity_poly.type   'polypeptide(L)'
_entity_poly.pdbx_seq_one_letter_code
;MNSDIPFDLIQERTGVPSSRLKVAFARGSLRLLESAGMQALLFKKPLGDLEAGTVIYLGDETEVIRGFPKIRRTLLLSPT
IQEHFRDRVAVEE(APK)MNGYNVRIACLSSGETVALTRGGHVCPFTTRKAQELLDLSEFFREHPDLVICGEMIGRDNPY
VSQDYPEVGPLGFRVFDLREKNTNRPLPVEERRALLDSYGLPNVRLFGVYPIEEAASEVADIIRALGMAGREGVVMKDPS
MEVPPLKYTSSQAHARELAYAFSYPFDFGRPFFFSRVIREGFQAYELDESDDETRERARRLGEAIIYPMLERIKSISAGE
AAYEDTVIDVEDREAAEEFIRHLVRLGVSATLADYRDGRATIRRFYQSTTDRINNYLKGGLY
;
_entity_poly.pdbx_strand_id   A,B
#
loop_
_chem_comp.id
_chem_comp.type
_chem_comp.name
_chem_comp.formula
MG non-polymer 'MAGNESIUM ION' 'Mg 2'
SO4 non-polymer 'SULFATE ION' 'O4 S -2'
#
# COMPACT_ATOMS: atom_id res chain seq x y z
N ASP A 4 38.33 -23.45 6.44
CA ASP A 4 37.70 -22.52 5.51
C ASP A 4 36.64 -23.21 4.63
N ILE A 5 35.92 -22.39 3.88
CA ILE A 5 34.81 -22.86 3.06
C ILE A 5 35.25 -23.54 1.77
N PRO A 6 34.72 -24.75 1.49
CA PRO A 6 35.06 -25.49 0.27
C PRO A 6 34.21 -25.02 -0.90
N PHE A 7 34.53 -23.86 -1.45
CA PHE A 7 33.75 -23.28 -2.53
C PHE A 7 33.65 -24.19 -3.75
N ASP A 8 34.77 -24.79 -4.15
CA ASP A 8 34.78 -25.65 -5.34
C ASP A 8 33.88 -26.87 -5.18
N LEU A 9 33.92 -27.47 -4.00
CA LEU A 9 33.04 -28.61 -3.72
C LEU A 9 31.59 -28.17 -3.87
N ILE A 10 31.24 -27.08 -3.19
CA ILE A 10 29.90 -26.52 -3.28
C ILE A 10 29.54 -26.26 -4.74
N GLN A 11 30.50 -25.74 -5.50
CA GLN A 11 30.33 -25.51 -6.93
C GLN A 11 29.89 -26.77 -7.69
N GLU A 12 30.45 -27.92 -7.35
CA GLU A 12 30.09 -29.14 -8.06
C GLU A 12 28.72 -29.67 -7.65
N ARG A 13 28.33 -29.44 -6.40
CA ARG A 13 27.06 -29.94 -5.86
C ARG A 13 25.90 -29.02 -6.17
N THR A 14 26.19 -27.76 -6.47
CA THR A 14 25.14 -26.77 -6.67
C THR A 14 25.05 -26.24 -8.10
N GLY A 15 26.11 -26.39 -8.88
CA GLY A 15 26.13 -25.82 -10.21
C GLY A 15 26.39 -24.32 -10.21
N VAL A 16 26.58 -23.76 -9.02
CA VAL A 16 26.94 -22.35 -8.91
C VAL A 16 28.46 -22.21 -8.91
N PRO A 17 29.01 -21.51 -9.93
CA PRO A 17 30.44 -21.26 -10.03
C PRO A 17 31.05 -20.63 -8.78
N SER A 18 32.15 -21.22 -8.34
CA SER A 18 32.88 -20.84 -7.13
C SER A 18 33.08 -19.34 -7.00
N SER A 19 33.23 -18.69 -8.15
CA SER A 19 33.43 -17.25 -8.22
C SER A 19 32.15 -16.54 -7.71
N ARG A 20 31.01 -16.85 -8.32
CA ARG A 20 29.70 -16.40 -7.84
C ARG A 20 29.49 -16.62 -6.33
N LEU A 21 29.89 -17.78 -5.81
CA LEU A 21 29.69 -18.10 -4.40
C LEU A 21 30.52 -17.20 -3.48
N LYS A 22 31.57 -16.62 -4.03
CA LYS A 22 32.40 -15.70 -3.25
C LYS A 22 31.75 -14.32 -3.29
N VAL A 23 31.20 -13.96 -4.44
CA VAL A 23 30.34 -12.79 -4.57
C VAL A 23 29.20 -12.85 -3.56
N ALA A 24 28.54 -14.01 -3.52
CA ALA A 24 27.41 -14.24 -2.62
C ALA A 24 27.79 -14.05 -1.16
N PHE A 25 29.01 -14.45 -0.80
CA PHE A 25 29.46 -14.40 0.59
C PHE A 25 29.57 -12.96 1.08
N ALA A 26 29.75 -12.01 0.16
CA ALA A 26 29.71 -10.59 0.52
C ALA A 26 28.46 -10.21 1.29
N ARG A 27 27.40 -11.00 1.09
CA ARG A 27 26.09 -10.73 1.68
C ARG A 27 25.28 -12.01 2.06
N GLY A 28 24.62 -12.62 1.08
CA GLY A 28 23.60 -13.63 1.36
C GLY A 28 24.00 -15.09 1.43
N SER A 29 25.27 -15.37 1.70
CA SER A 29 25.73 -16.74 1.95
C SER A 29 26.44 -16.80 3.28
N LEU A 30 25.85 -17.50 4.24
CA LEU A 30 26.33 -17.47 5.61
C LEU A 30 26.81 -18.83 6.08
N ARG A 31 27.97 -18.85 6.73
CA ARG A 31 28.53 -20.07 7.29
C ARG A 31 28.13 -20.18 8.74
N LEU A 32 27.65 -21.34 9.15
CA LEU A 32 27.25 -21.49 10.54
C LEU A 32 27.53 -22.89 11.05
N LEU A 33 27.70 -22.99 12.37
CA LEU A 33 27.93 -24.28 12.99
C LEU A 33 26.56 -24.81 13.36
N GLU A 34 26.23 -25.96 12.82
CA GLU A 34 24.88 -26.48 12.94
C GLU A 34 24.83 -27.99 12.83
N SER A 35 24.16 -28.63 13.79
CA SER A 35 23.97 -30.08 13.80
C SER A 35 25.28 -30.83 14.11
N ALA A 36 25.18 -31.78 15.05
CA ALA A 36 26.30 -32.57 15.59
C ALA A 36 27.69 -32.06 15.25
N GLY A 37 27.91 -30.76 15.42
CA GLY A 37 29.17 -30.14 15.05
C GLY A 37 29.42 -30.33 13.57
N MET A 38 28.67 -29.58 12.78
CA MET A 38 28.82 -29.63 11.34
C MET A 38 28.78 -28.23 10.81
N GLN A 39 29.30 -28.10 9.62
CA GLN A 39 29.47 -26.80 9.06
C GLN A 39 28.46 -26.72 7.92
N ALA A 40 27.71 -25.62 7.91
CA ALA A 40 26.57 -25.51 7.04
C ALA A 40 26.57 -24.18 6.36
N LEU A 41 26.27 -24.18 5.06
CA LEU A 41 26.16 -22.95 4.32
C LEU A 41 24.73 -22.67 3.95
N LEU A 42 24.26 -21.50 4.38
CA LEU A 42 22.89 -21.09 4.23
C LEU A 42 22.76 -19.96 3.21
N PHE A 43 21.86 -20.13 2.24
CA PHE A 43 21.62 -19.15 1.20
C PHE A 43 20.38 -18.30 1.52
N LYS A 44 20.59 -17.07 1.94
CA LYS A 44 19.43 -16.24 2.27
C LYS A 44 18.68 -15.83 1.01
N LYS A 45 19.41 -15.71 -0.10
CA LYS A 45 18.86 -15.29 -1.39
C LYS A 45 19.00 -16.39 -2.44
N PRO A 46 18.04 -16.48 -3.39
CA PRO A 46 18.26 -17.40 -4.49
C PRO A 46 19.55 -17.09 -5.23
N LEU A 47 20.08 -18.11 -5.90
CA LEU A 47 21.35 -18.01 -6.60
C LEU A 47 21.43 -19.21 -7.52
N GLY A 48 21.49 -18.93 -8.82
CA GLY A 48 21.37 -19.98 -9.82
C GLY A 48 20.04 -20.68 -9.64
N ASP A 49 20.04 -22.01 -9.73
CA ASP A 49 18.86 -22.82 -9.51
C ASP A 49 18.54 -22.99 -8.02
N LEU A 50 19.42 -22.45 -7.17
CA LEU A 50 19.28 -22.65 -5.74
C LEU A 50 18.25 -21.69 -5.18
N GLU A 51 17.24 -22.24 -4.50
CA GLU A 51 16.19 -21.42 -3.93
C GLU A 51 16.64 -20.78 -2.63
N ALA A 52 15.99 -19.68 -2.26
CA ALA A 52 16.28 -19.04 -0.99
C ALA A 52 15.95 -20.01 0.13
N GLY A 53 16.79 -20.02 1.15
CA GLY A 53 16.63 -20.93 2.27
C GLY A 53 17.33 -22.25 2.04
N THR A 54 17.99 -22.41 0.89
CA THR A 54 18.78 -23.62 0.62
C THR A 54 19.87 -23.76 1.68
N VAL A 55 20.06 -24.94 2.23
CA VAL A 55 21.17 -25.14 3.17
C VAL A 55 21.98 -26.38 2.81
N ILE A 56 23.31 -26.20 2.76
CA ILE A 56 24.22 -27.29 2.45
C ILE A 56 24.96 -27.76 3.68
N TYR A 57 24.84 -29.05 3.96
CA TYR A 57 25.50 -29.62 5.14
C TYR A 57 26.78 -30.31 4.71
N LEU A 58 27.87 -29.88 5.32
CA LEU A 58 29.19 -30.37 4.98
C LEU A 58 29.52 -31.53 5.92
N GLY A 59 29.00 -32.71 5.59
CA GLY A 59 29.22 -33.88 6.42
C GLY A 59 30.10 -34.89 5.72
N ASP A 60 30.04 -36.14 6.18
CA ASP A 60 30.76 -37.25 5.57
C ASP A 60 30.53 -37.24 4.09
N GLU A 61 29.28 -36.96 3.70
CA GLU A 61 29.06 -36.44 2.37
C GLU A 61 28.32 -35.12 2.45
N THR A 62 28.34 -34.42 1.33
CA THR A 62 27.83 -33.07 1.24
C THR A 62 26.36 -33.11 0.80
N GLU A 63 25.48 -32.48 1.56
CA GLU A 63 24.06 -32.58 1.28
C GLU A 63 23.41 -31.23 1.12
N VAL A 64 22.81 -31.01 -0.05
CA VAL A 64 22.11 -29.77 -0.30
C VAL A 64 20.62 -29.94 0.00
N ILE A 65 20.18 -29.36 1.12
CA ILE A 65 18.77 -29.32 1.46
C ILE A 65 18.16 -28.09 0.78
N ARG A 66 17.55 -28.30 -0.39
CA ARG A 66 17.11 -27.19 -1.21
C ARG A 66 15.97 -26.40 -0.58
N GLY A 67 15.88 -25.12 -0.91
CA GLY A 67 14.87 -24.26 -0.31
C GLY A 67 13.54 -24.66 -0.86
N PHE A 68 12.46 -24.46 -0.10
CA PHE A 68 11.15 -24.78 -0.67
C PHE A 68 10.80 -23.68 -1.68
N PRO A 69 10.43 -24.08 -2.90
CA PRO A 69 10.23 -23.10 -3.96
C PRO A 69 9.01 -22.22 -3.73
N LYS A 70 9.08 -20.97 -4.17
CA LYS A 70 7.90 -20.09 -4.12
C LYS A 70 6.77 -20.71 -4.92
N ILE A 71 5.52 -20.55 -4.46
CA ILE A 71 4.37 -21.05 -5.21
C ILE A 71 3.61 -19.89 -5.83
N ARG A 72 3.36 -19.95 -7.14
CA ARG A 72 2.71 -18.82 -7.82
C ARG A 72 1.23 -18.71 -7.44
N ARG A 73 0.72 -17.48 -7.46
CA ARG A 73 -0.67 -17.20 -7.10
C ARG A 73 -1.49 -16.89 -8.36
N THR A 74 -2.75 -17.26 -8.36
CA THR A 74 -3.64 -16.80 -9.40
C THR A 74 -4.77 -16.07 -8.69
N LEU A 75 -5.27 -14.99 -9.28
CA LEU A 75 -6.40 -14.26 -8.71
C LEU A 75 -7.71 -14.75 -9.31
N LEU A 76 -7.60 -15.58 -10.35
CA LEU A 76 -8.76 -16.08 -11.06
C LEU A 76 -8.67 -17.59 -11.24
N LEU A 77 -9.81 -18.27 -11.22
CA LEU A 77 -9.85 -19.70 -11.49
C LEU A 77 -9.92 -20.00 -12.99
N SER A 78 -10.71 -19.22 -13.71
CA SER A 78 -10.84 -19.32 -15.16
C SER A 78 -10.46 -17.99 -15.79
N PRO A 79 -9.70 -18.01 -16.90
CA PRO A 79 -9.24 -19.16 -17.69
C PRO A 79 -7.90 -19.70 -17.20
N THR A 80 -7.44 -19.20 -16.07
CA THR A 80 -6.05 -19.39 -15.64
C THR A 80 -5.69 -20.85 -15.34
N ILE A 81 -6.59 -21.57 -14.70
CA ILE A 81 -6.35 -22.97 -14.38
C ILE A 81 -6.15 -23.78 -15.67
N GLN A 82 -7.10 -23.70 -16.61
CA GLN A 82 -6.97 -24.39 -17.91
C GLN A 82 -5.74 -23.94 -18.68
N GLU A 83 -5.34 -22.68 -18.45
CA GLU A 83 -4.19 -22.09 -19.14
C GLU A 83 -2.85 -22.56 -18.59
N HIS A 84 -2.86 -23.00 -17.34
CA HIS A 84 -1.61 -23.35 -16.67
C HIS A 84 -1.39 -24.88 -16.61
N PHE A 85 -2.44 -25.62 -16.26
CA PHE A 85 -2.33 -27.06 -16.08
C PHE A 85 -2.65 -27.82 -17.38
N ARG A 86 -2.78 -29.14 -17.27
CA ARG A 86 -2.93 -30.00 -18.45
C ARG A 86 -3.53 -31.33 -18.06
N ASP A 87 -4.72 -31.61 -18.55
CA ASP A 87 -5.44 -32.85 -18.27
C ASP A 87 -6.08 -32.93 -16.88
N ARG A 88 -5.28 -32.87 -15.83
CA ARG A 88 -5.83 -33.10 -14.48
C ARG A 88 -5.24 -32.14 -13.46
N VAL A 89 -6.02 -31.83 -12.43
CA VAL A 89 -5.55 -30.97 -11.35
C VAL A 89 -5.83 -31.56 -9.97
N ALA A 90 -4.79 -31.73 -9.18
CA ALA A 90 -4.90 -32.16 -7.80
C ALA A 90 -5.09 -30.95 -6.92
N VAL A 91 -6.07 -31.02 -6.04
CA VAL A 91 -6.43 -29.89 -5.21
C VAL A 91 -6.30 -30.20 -3.73
N GLU A 92 -5.23 -29.67 -3.12
CA GLU A 92 -4.95 -29.85 -1.70
C GLU A 92 -5.32 -28.61 -0.90
N GLU A 93 -5.65 -28.80 0.37
CA GLU A 93 -5.93 -27.68 1.26
C GLU A 93 -4.66 -26.90 1.56
O APK A 94 -4.81 -23.95 3.81
C APK A 94 -3.82 -24.52 3.39
CA APK A 94 -3.63 -24.73 1.90
N APK A 94 -4.73 -25.58 1.45
CB APK A 94 -3.60 -23.40 1.14
CG APK A 94 -2.29 -22.66 1.23
CD APK A 94 -2.36 -21.30 0.50
CE APK A 94 -0.96 -20.67 0.43
NZ APK A 94 -0.40 -20.20 1.75
P APK A 94 1.26 -19.22 1.34
O1P APK A 94 0.91 -17.80 1.00
O2P APK A 94 2.35 -19.20 2.56
O5' APK A 94 1.97 -19.91 0.00
C5' APK A 94 2.98 -20.93 -0.11
C4' APK A 94 3.17 -21.66 1.21
O4' APK A 94 1.94 -22.22 1.67
C3' APK A 94 4.20 -22.80 1.20
O3' APK A 94 5.49 -22.25 1.56
C2' APK A 94 3.66 -23.71 2.28
O2' APK A 94 4.32 -23.55 3.53
C1' APK A 94 2.21 -23.32 2.54
N9 APK A 94 1.25 -24.43 2.29
C8 APK A 94 0.15 -24.74 3.06
N7 APK A 94 -0.50 -25.84 2.56
C5 APK A 94 0.14 -26.25 1.42
C4 APK A 94 1.30 -25.34 1.26
N3 APK A 94 2.14 -25.58 0.22
C2 APK A 94 1.97 -26.58 -0.68
N1 APK A 94 0.93 -27.43 -0.63
C6 APK A 94 0.03 -27.32 0.37
N6 APK A 94 -0.95 -28.23 0.39
N MET A 95 -2.87 -24.99 4.19
CA MET A 95 -2.94 -24.85 5.65
C MET A 95 -2.22 -23.58 6.07
N ASN A 96 -2.81 -22.83 6.99
CA ASN A 96 -2.22 -21.59 7.48
C ASN A 96 -1.29 -21.82 8.66
N GLY A 97 -0.01 -22.09 8.39
CA GLY A 97 0.96 -22.32 9.45
C GLY A 97 2.36 -21.81 9.09
N TYR A 98 3.41 -22.54 9.46
CA TYR A 98 4.71 -22.23 8.86
C TYR A 98 5.36 -23.45 8.22
N ASN A 99 5.98 -23.15 7.09
CA ASN A 99 6.72 -24.06 6.24
C ASN A 99 7.91 -24.72 6.96
N VAL A 100 7.99 -26.05 6.90
CA VAL A 100 9.04 -26.81 7.57
C VAL A 100 9.62 -27.87 6.64
N ARG A 101 10.94 -27.95 6.58
CA ARG A 101 11.56 -29.04 5.85
C ARG A 101 12.23 -29.95 6.87
N ILE A 102 11.92 -31.24 6.81
CA ILE A 102 12.53 -32.20 7.73
C ILE A 102 13.41 -33.13 6.94
N ALA A 103 14.68 -33.16 7.29
CA ALA A 103 15.63 -34.03 6.60
C ALA A 103 16.41 -34.89 7.60
N CYS A 104 16.81 -36.09 7.18
CA CYS A 104 17.75 -36.88 7.96
C CYS A 104 19.12 -36.67 7.34
N LEU A 105 20.06 -36.12 8.10
CA LEU A 105 21.39 -35.86 7.56
C LEU A 105 22.22 -37.13 7.54
N SER A 106 23.38 -37.08 6.89
CA SER A 106 24.26 -38.23 6.76
C SER A 106 24.72 -38.73 8.14
N SER A 107 24.83 -37.80 9.10
CA SER A 107 25.17 -38.16 10.47
C SER A 107 24.06 -38.92 11.21
N GLY A 108 22.93 -39.17 10.54
CA GLY A 108 21.80 -39.80 11.19
C GLY A 108 21.03 -38.83 12.08
N GLU A 109 21.46 -37.58 12.12
CA GLU A 109 20.74 -36.59 12.89
C GLU A 109 19.58 -36.01 12.05
N THR A 110 18.45 -35.78 12.72
CA THR A 110 17.23 -35.31 12.09
C THR A 110 17.08 -33.81 12.32
N VAL A 111 16.68 -33.08 11.28
CA VAL A 111 16.70 -31.62 11.34
C VAL A 111 15.41 -31.01 10.76
N ALA A 112 14.83 -30.03 11.44
CA ALA A 112 13.69 -29.31 10.90
C ALA A 112 14.05 -27.87 10.58
N LEU A 113 13.93 -27.49 9.31
CA LEU A 113 14.37 -26.19 8.87
C LEU A 113 13.18 -25.29 8.57
N THR A 114 13.22 -24.08 9.11
CA THR A 114 12.27 -23.04 8.75
C THR A 114 12.59 -22.59 7.33
N ARG A 115 11.76 -21.71 6.80
CA ARG A 115 11.83 -21.33 5.40
C ARG A 115 13.17 -20.73 4.95
N GLY A 116 13.80 -19.98 5.84
CA GLY A 116 15.03 -19.29 5.52
C GLY A 116 16.25 -20.18 5.63
N GLY A 117 16.08 -21.32 6.28
CA GLY A 117 17.11 -22.33 6.34
C GLY A 117 17.68 -22.55 7.73
N HIS A 118 17.10 -21.88 8.72
CA HIS A 118 17.58 -21.98 10.08
C HIS A 118 16.96 -23.17 10.78
N VAL A 119 17.76 -23.88 11.58
CA VAL A 119 17.21 -24.93 12.44
C VAL A 119 16.53 -24.27 13.62
N CYS A 120 15.25 -24.60 13.80
CA CYS A 120 14.47 -24.06 14.90
C CYS A 120 14.42 -25.07 16.04
N PRO A 121 14.88 -24.67 17.24
CA PRO A 121 14.93 -25.63 18.33
C PRO A 121 13.52 -26.11 18.70
N PHE A 122 12.54 -25.20 18.69
CA PHE A 122 11.15 -25.59 18.96
C PHE A 122 10.62 -26.59 17.93
N THR A 123 10.87 -26.30 16.65
CA THR A 123 10.28 -27.09 15.58
C THR A 123 10.90 -28.48 15.45
N THR A 124 12.21 -28.56 15.60
CA THR A 124 12.85 -29.87 15.47
C THR A 124 12.37 -30.79 16.59
N ARG A 125 12.16 -30.21 17.78
CA ARG A 125 11.68 -31.01 18.88
C ARG A 125 10.22 -31.46 18.68
N LYS A 126 9.35 -30.54 18.30
CA LYS A 126 7.95 -30.93 18.09
C LYS A 126 7.80 -31.88 16.89
N ALA A 127 8.68 -31.74 15.90
CA ALA A 127 8.67 -32.65 14.75
C ALA A 127 8.84 -34.10 15.20
N GLN A 128 9.85 -34.35 16.00
CA GLN A 128 10.12 -35.70 16.44
C GLN A 128 9.10 -36.17 17.46
N GLU A 129 8.59 -35.25 18.27
CA GLU A 129 7.54 -35.59 19.23
C GLU A 129 6.26 -35.97 18.53
N LEU A 130 5.99 -35.31 17.41
CA LEU A 130 4.68 -35.43 16.78
C LEU A 130 4.66 -36.44 15.66
N LEU A 131 5.81 -36.68 15.06
CA LEU A 131 5.91 -37.54 13.90
C LEU A 131 6.77 -38.75 14.23
N ASP A 132 6.39 -39.91 13.72
CA ASP A 132 7.21 -41.11 13.87
C ASP A 132 7.99 -41.32 12.58
N LEU A 133 9.25 -40.87 12.58
CA LEU A 133 10.02 -40.66 11.36
C LEU A 133 11.08 -41.69 11.10
N SER A 134 11.38 -42.50 12.13
CA SER A 134 12.57 -43.34 12.10
C SER A 134 12.57 -44.34 10.95
N GLU A 135 11.47 -45.07 10.80
CA GLU A 135 11.35 -46.04 9.72
C GLU A 135 11.40 -45.37 8.34
N PHE A 136 10.64 -44.28 8.16
CA PHE A 136 10.63 -43.59 6.88
C PHE A 136 12.04 -43.17 6.43
N PHE A 137 12.83 -42.61 7.35
CA PHE A 137 14.16 -42.13 6.97
C PHE A 137 15.18 -43.27 6.81
N ARG A 138 14.92 -44.40 7.43
CA ARG A 138 15.77 -45.57 7.27
C ARG A 138 15.63 -46.08 5.86
N GLU A 139 14.41 -46.02 5.33
CA GLU A 139 14.16 -46.48 3.97
C GLU A 139 14.35 -45.34 2.95
N HIS A 140 14.05 -44.10 3.34
CA HIS A 140 14.20 -42.97 2.42
C HIS A 140 15.00 -41.77 2.98
N PRO A 141 16.29 -41.98 3.26
CA PRO A 141 17.16 -40.96 3.87
C PRO A 141 17.41 -39.74 3.00
N ASP A 142 17.21 -39.86 1.69
CA ASP A 142 17.51 -38.75 0.81
C ASP A 142 16.28 -38.00 0.32
N LEU A 143 15.15 -38.24 1.00
CA LEU A 143 13.93 -37.49 0.77
C LEU A 143 13.73 -36.43 1.86
N VAL A 144 13.28 -35.25 1.45
CA VAL A 144 13.01 -34.19 2.40
C VAL A 144 11.50 -34.03 2.59
N ILE A 145 11.04 -34.16 3.83
CA ILE A 145 9.64 -34.00 4.18
C ILE A 145 9.24 -32.54 4.28
N CYS A 146 8.45 -32.07 3.32
CA CYS A 146 8.02 -30.67 3.33
C CYS A 146 6.59 -30.58 3.84
N GLY A 147 6.38 -29.84 4.91
CA GLY A 147 5.06 -29.77 5.52
C GLY A 147 4.73 -28.42 6.15
N GLU A 148 3.51 -28.32 6.66
CA GLU A 148 3.05 -27.15 7.38
C GLU A 148 2.89 -27.50 8.84
N MET A 149 3.57 -26.75 9.71
CA MET A 149 3.37 -26.86 11.15
C MET A 149 2.23 -25.89 11.50
N ILE A 150 1.15 -26.42 12.06
CA ILE A 150 -0.07 -25.64 12.32
C ILE A 150 -0.56 -25.84 13.74
N GLY A 151 -1.38 -24.90 14.22
CA GLY A 151 -2.02 -25.07 15.52
C GLY A 151 -2.19 -23.75 16.27
N ARG A 152 -3.08 -23.76 17.24
CA ARG A 152 -3.21 -22.61 18.14
C ARG A 152 -1.89 -22.32 18.84
N ASP A 153 -1.26 -23.35 19.39
CA ASP A 153 -0.02 -23.15 20.14
C ASP A 153 1.22 -23.12 19.24
N ASN A 154 1.08 -22.36 18.15
CA ASN A 154 2.13 -22.16 17.15
C ASN A 154 2.74 -20.78 17.29
N PRO A 155 4.02 -20.72 17.68
CA PRO A 155 4.71 -19.45 17.95
C PRO A 155 4.96 -18.58 16.71
N TYR A 156 4.72 -19.10 15.52
CA TYR A 156 4.99 -18.30 14.31
C TYR A 156 3.69 -17.78 13.70
N VAL A 157 2.78 -18.70 13.41
CA VAL A 157 1.48 -18.33 12.88
C VAL A 157 0.46 -19.20 13.58
N SER A 158 -0.39 -18.58 14.37
CA SER A 158 -1.31 -19.31 15.21
C SER A 158 -2.69 -19.38 14.60
N GLN A 159 -3.07 -20.53 14.07
CA GLN A 159 -4.46 -20.78 13.71
C GLN A 159 -4.84 -22.13 14.28
N ASP A 160 -5.96 -22.17 15.00
CA ASP A 160 -6.40 -23.40 15.64
C ASP A 160 -7.08 -24.33 14.65
N TYR A 161 -6.46 -25.46 14.39
CA TYR A 161 -7.03 -26.50 13.54
C TYR A 161 -7.42 -27.69 14.39
N PRO A 162 -8.61 -27.64 15.00
CA PRO A 162 -9.00 -28.59 16.05
C PRO A 162 -8.82 -30.06 15.69
N GLU A 163 -8.88 -30.43 14.42
CA GLU A 163 -8.65 -31.83 14.04
C GLU A 163 -7.18 -32.24 14.09
N VAL A 164 -6.27 -31.33 14.44
CA VAL A 164 -4.88 -31.73 14.63
C VAL A 164 -4.41 -31.59 16.08
N GLY A 165 -5.17 -30.90 16.92
CA GLY A 165 -4.76 -30.69 18.30
C GLY A 165 -4.13 -29.30 18.45
N PRO A 166 -3.48 -29.04 19.59
CA PRO A 166 -2.96 -27.67 19.80
C PRO A 166 -1.74 -27.35 18.92
N LEU A 167 -1.11 -28.40 18.41
CA LEU A 167 -0.01 -28.24 17.48
C LEU A 167 0.09 -29.49 16.66
N GLY A 168 0.15 -29.34 15.35
CA GLY A 168 0.25 -30.50 14.49
C GLY A 168 1.02 -30.18 13.23
N PHE A 169 1.13 -31.19 12.39
CA PHE A 169 1.92 -31.11 11.19
C PHE A 169 1.19 -31.86 10.07
N ARG A 170 1.25 -31.32 8.85
CA ARG A 170 0.66 -31.92 7.67
C ARG A 170 1.66 -31.83 6.53
N VAL A 171 1.95 -32.97 5.91
CA VAL A 171 2.93 -33.02 4.84
C VAL A 171 2.30 -32.73 3.48
N PHE A 172 2.94 -31.84 2.71
CA PHE A 172 2.44 -31.54 1.37
C PHE A 172 3.48 -31.78 0.27
N ASP A 173 4.64 -32.34 0.60
CA ASP A 173 5.66 -32.57 -0.43
C ASP A 173 6.75 -33.50 0.09
N LEU A 174 7.27 -34.32 -0.82
CA LEU A 174 8.52 -35.04 -0.63
C LEU A 174 9.45 -34.59 -1.74
N ARG A 175 10.60 -34.03 -1.36
CA ARG A 175 11.54 -33.53 -2.35
C ARG A 175 12.91 -34.14 -2.11
N GLU A 176 13.59 -34.48 -3.20
CA GLU A 176 14.93 -35.06 -3.13
C GLU A 176 15.96 -34.06 -2.64
N LYS A 177 16.89 -34.54 -1.83
CA LYS A 177 18.10 -33.78 -1.51
C LYS A 177 18.82 -33.41 -2.81
N ASN A 178 19.51 -32.28 -2.80
CA ASN A 178 20.34 -31.82 -3.94
C ASN A 178 19.55 -31.35 -5.16
N THR A 179 18.68 -32.20 -5.72
CA THR A 179 17.92 -31.85 -6.92
C THR A 179 16.61 -31.08 -6.66
N ASN A 180 16.08 -31.20 -5.44
CA ASN A 180 14.76 -30.66 -5.06
C ASN A 180 13.61 -31.28 -5.83
N ARG A 181 13.85 -32.39 -6.50
CA ARG A 181 12.82 -32.99 -7.35
C ARG A 181 11.69 -33.59 -6.50
N PRO A 182 10.45 -33.20 -6.81
CA PRO A 182 9.27 -33.63 -6.06
C PRO A 182 8.73 -34.97 -6.56
N LEU A 183 8.18 -35.78 -5.66
CA LEU A 183 7.47 -36.98 -6.08
C LEU A 183 6.12 -36.56 -6.62
N PRO A 184 5.57 -37.31 -7.61
CA PRO A 184 4.21 -37.03 -8.07
C PRO A 184 3.21 -37.12 -6.91
N VAL A 185 2.07 -36.47 -7.06
CA VAL A 185 1.17 -36.28 -5.92
C VAL A 185 0.67 -37.59 -5.33
N GLU A 186 0.18 -38.48 -6.18
CA GLU A 186 -0.52 -39.65 -5.67
C GLU A 186 0.48 -40.65 -5.06
N GLU A 187 1.65 -40.79 -5.69
CA GLU A 187 2.70 -41.64 -5.17
C GLU A 187 3.19 -41.12 -3.82
N ARG A 188 3.32 -39.80 -3.68
CA ARG A 188 3.77 -39.17 -2.46
C ARG A 188 2.81 -39.48 -1.31
N ARG A 189 1.51 -39.27 -1.55
CA ARG A 189 0.50 -39.48 -0.52
C ARG A 189 0.43 -40.93 -0.06
N ALA A 190 0.57 -41.85 -1.02
CA ALA A 190 0.51 -43.28 -0.71
C ALA A 190 1.72 -43.74 0.12
N LEU A 191 2.89 -43.30 -0.30
CA LEU A 191 4.13 -43.58 0.43
C LEU A 191 4.07 -43.11 1.86
N LEU A 192 3.62 -41.88 2.04
CA LEU A 192 3.52 -41.30 3.37
C LEU A 192 2.51 -42.06 4.21
N ASP A 193 1.40 -42.45 3.60
CA ASP A 193 0.42 -43.34 4.24
C ASP A 193 1.01 -44.65 4.72
N SER A 194 1.90 -45.22 3.92
CA SER A 194 2.37 -46.56 4.25
C SER A 194 3.39 -46.48 5.37
N TYR A 195 3.85 -45.28 5.70
CA TYR A 195 4.75 -45.09 6.83
C TYR A 195 4.06 -44.34 7.96
N GLY A 196 2.75 -44.16 7.84
CA GLY A 196 1.96 -43.63 8.95
C GLY A 196 2.09 -42.14 9.19
N LEU A 197 2.58 -41.42 8.19
CA LEU A 197 2.78 -39.97 8.28
C LEU A 197 1.55 -39.26 7.75
N PRO A 198 1.26 -38.06 8.28
CA PRO A 198 0.02 -37.35 7.91
C PRO A 198 0.11 -36.43 6.68
N ASN A 199 -0.74 -36.68 5.69
CA ASN A 199 -0.87 -35.82 4.51
C ASN A 199 -1.84 -34.67 4.73
N VAL A 200 -1.53 -33.48 4.18
CA VAL A 200 -2.55 -32.43 4.02
C VAL A 200 -3.79 -33.00 3.35
N ARG A 201 -4.95 -32.39 3.61
CA ARG A 201 -6.17 -32.83 2.97
C ARG A 201 -6.04 -32.67 1.46
N LEU A 202 -6.41 -33.73 0.74
CA LEU A 202 -6.60 -33.68 -0.71
C LEU A 202 -8.09 -33.73 -0.99
N PHE A 203 -8.62 -32.75 -1.70
CA PHE A 203 -10.06 -32.74 -1.97
C PHE A 203 -10.38 -33.67 -3.13
N GLY A 204 -9.51 -33.67 -4.12
CA GLY A 204 -9.70 -34.50 -5.28
C GLY A 204 -8.68 -34.22 -6.35
N VAL A 205 -8.69 -35.08 -7.36
CA VAL A 205 -7.96 -34.88 -8.58
C VAL A 205 -9.03 -34.79 -9.66
N TYR A 206 -9.15 -33.64 -10.31
CA TYR A 206 -10.26 -33.40 -11.22
C TYR A 206 -9.78 -33.21 -12.66
N PRO A 207 -10.60 -33.64 -13.65
CA PRO A 207 -10.34 -33.36 -15.07
C PRO A 207 -10.25 -31.86 -15.30
N ILE A 208 -9.35 -31.41 -16.16
CA ILE A 208 -9.01 -30.00 -16.19
C ILE A 208 -10.19 -29.10 -16.53
N GLU A 209 -11.17 -29.63 -17.25
CA GLU A 209 -12.30 -28.81 -17.67
C GLU A 209 -13.25 -28.57 -16.51
N GLU A 210 -13.22 -29.46 -15.53
CA GLU A 210 -14.10 -29.35 -14.37
C GLU A 210 -13.43 -28.73 -13.17
N ALA A 211 -12.11 -28.53 -13.24
CA ALA A 211 -11.34 -28.17 -12.06
C ALA A 211 -11.76 -26.80 -11.47
N ALA A 212 -11.87 -25.77 -12.32
CA ALA A 212 -12.15 -24.42 -11.83
C ALA A 212 -13.47 -24.37 -11.07
N SER A 213 -14.49 -25.07 -11.58
CA SER A 213 -15.78 -25.03 -10.90
C SER A 213 -15.74 -25.85 -9.61
N GLU A 214 -14.96 -26.93 -9.60
CA GLU A 214 -14.76 -27.72 -8.38
C GLU A 214 -14.11 -26.86 -7.30
N VAL A 215 -13.04 -26.15 -7.67
CA VAL A 215 -12.33 -25.30 -6.74
C VAL A 215 -13.25 -24.18 -6.24
N ALA A 216 -14.08 -23.62 -7.13
CA ALA A 216 -15.00 -22.56 -6.73
C ALA A 216 -15.92 -23.04 -5.61
N ASP A 217 -16.44 -24.24 -5.74
CA ASP A 217 -17.26 -24.84 -4.69
C ASP A 217 -16.46 -25.04 -3.41
N ILE A 218 -15.32 -25.70 -3.54
CA ILE A 218 -14.42 -25.92 -2.41
C ILE A 218 -14.13 -24.62 -1.67
N ILE A 219 -13.74 -23.59 -2.41
CA ILE A 219 -13.42 -22.31 -1.80
C ILE A 219 -14.62 -21.74 -1.05
N ARG A 220 -15.83 -21.90 -1.62
CA ARG A 220 -17.03 -21.42 -0.93
C ARG A 220 -17.19 -22.10 0.41
N ALA A 221 -16.95 -23.41 0.41
CA ALA A 221 -17.00 -24.22 1.61
C ALA A 221 -15.97 -23.76 2.64
N LEU A 222 -14.72 -23.64 2.21
CA LEU A 222 -13.63 -23.24 3.10
C LEU A 222 -13.90 -21.88 3.71
N GLY A 223 -14.47 -21.00 2.91
CA GLY A 223 -14.75 -19.63 3.31
C GLY A 223 -15.61 -19.54 4.54
N MET A 224 -16.70 -20.29 4.58
CA MET A 224 -17.60 -20.21 5.71
C MET A 224 -17.08 -20.99 6.93
N ALA A 225 -16.05 -21.79 6.73
CA ALA A 225 -15.38 -22.47 7.84
C ALA A 225 -14.18 -21.65 8.34
N GLY A 226 -13.77 -20.65 7.57
CA GLY A 226 -12.62 -19.83 7.90
C GLY A 226 -11.26 -20.48 7.65
N ARG A 227 -11.21 -21.39 6.68
CA ARG A 227 -9.95 -22.02 6.25
C ARG A 227 -9.26 -21.21 5.15
N GLU A 228 -7.97 -21.45 4.94
CA GLU A 228 -7.16 -20.46 4.21
C GLU A 228 -7.36 -20.51 2.71
N GLY A 229 -7.34 -21.73 2.16
CA GLY A 229 -7.52 -21.86 0.73
C GLY A 229 -6.97 -23.15 0.17
N VAL A 230 -6.51 -23.08 -1.07
CA VAL A 230 -6.22 -24.25 -1.86
C VAL A 230 -4.84 -24.14 -2.52
N VAL A 231 -4.13 -25.25 -2.65
CA VAL A 231 -2.97 -25.33 -3.53
C VAL A 231 -3.25 -26.34 -4.65
N MET A 232 -3.19 -25.88 -5.90
CA MET A 232 -3.52 -26.72 -7.05
C MET A 232 -2.28 -27.26 -7.69
N LYS A 233 -2.29 -28.55 -8.02
CA LYS A 233 -1.07 -29.21 -8.48
C LYS A 233 -1.26 -30.11 -9.69
N ASP A 234 -0.26 -30.06 -10.55
CA ASP A 234 -0.09 -31.02 -11.62
C ASP A 234 0.25 -32.36 -10.99
N PRO A 235 -0.60 -33.38 -11.20
CA PRO A 235 -0.44 -34.69 -10.55
C PRO A 235 0.95 -35.31 -10.74
N SER A 236 1.63 -34.97 -11.83
CA SER A 236 2.98 -35.48 -12.03
C SER A 236 4.04 -34.41 -11.78
N MET A 237 3.60 -33.26 -11.25
CA MET A 237 4.50 -32.17 -10.85
C MET A 237 5.47 -31.73 -11.95
N GLU A 238 5.03 -31.80 -13.20
CA GLU A 238 5.82 -31.29 -14.32
C GLU A 238 5.47 -29.85 -14.65
N VAL A 239 4.45 -29.35 -13.97
CA VAL A 239 4.05 -27.97 -14.10
C VAL A 239 3.88 -27.49 -12.66
N PRO A 240 4.53 -26.35 -12.32
CA PRO A 240 4.54 -25.86 -10.93
C PRO A 240 3.14 -25.62 -10.37
N PRO A 241 3.00 -25.60 -9.04
CA PRO A 241 1.69 -25.45 -8.39
C PRO A 241 1.18 -24.00 -8.43
N LEU A 242 -0.13 -23.83 -8.20
CA LEU A 242 -0.72 -22.50 -8.03
C LEU A 242 -1.47 -22.42 -6.72
N LYS A 243 -1.36 -21.30 -6.01
CA LYS A 243 -2.17 -21.13 -4.82
C LYS A 243 -3.32 -20.13 -5.04
N TYR A 244 -4.42 -20.35 -4.33
CA TYR A 244 -5.61 -19.52 -4.43
C TYR A 244 -6.30 -19.51 -3.07
N THR A 245 -6.62 -18.32 -2.55
CA THR A 245 -7.14 -18.21 -1.19
C THR A 245 -8.56 -17.63 -1.09
N SER A 246 -9.18 -17.84 0.06
CA SER A 246 -10.58 -17.48 0.31
C SER A 246 -10.72 -16.07 0.83
N SER A 247 -11.94 -15.51 0.75
CA SER A 247 -12.14 -14.12 1.15
C SER A 247 -11.92 -13.99 2.64
N GLN A 248 -12.33 -15.02 3.38
CA GLN A 248 -12.20 -15.01 4.82
C GLN A 248 -10.73 -15.04 5.23
N ALA A 249 -9.92 -15.80 4.50
CA ALA A 249 -8.47 -15.76 4.72
C ALA A 249 -7.91 -14.33 4.57
N HIS A 250 -8.35 -13.61 3.53
CA HIS A 250 -7.90 -12.23 3.29
C HIS A 250 -8.31 -11.28 4.40
N ALA A 251 -9.55 -11.41 4.85
CA ALA A 251 -10.04 -10.62 5.96
C ALA A 251 -9.23 -10.94 7.21
N ARG A 252 -8.90 -12.22 7.40
CA ARG A 252 -8.14 -12.64 8.57
C ARG A 252 -6.76 -11.97 8.56
N GLU A 253 -6.07 -12.04 7.42
CA GLU A 253 -4.77 -11.40 7.28
C GLU A 253 -4.87 -9.89 7.39
N LEU A 254 -5.90 -9.33 6.79
CA LEU A 254 -6.01 -7.89 6.79
C LEU A 254 -6.30 -7.38 8.20
N ALA A 255 -7.19 -8.07 8.92
CA ALA A 255 -7.49 -7.68 10.30
C ALA A 255 -6.24 -7.79 11.17
N TYR A 256 -5.43 -8.84 10.98
CA TYR A 256 -4.18 -8.98 11.74
C TYR A 256 -3.26 -7.80 11.40
N ALA A 257 -3.15 -7.51 10.12
CA ALA A 257 -2.29 -6.44 9.62
C ALA A 257 -2.68 -5.07 10.15
N PHE A 258 -3.99 -4.79 10.16
CA PHE A 258 -4.44 -3.48 10.63
C PHE A 258 -4.57 -3.46 12.16
N SER A 259 -4.23 -4.59 12.81
CA SER A 259 -4.05 -4.57 14.26
C SER A 259 -2.65 -4.10 14.62
N TYR A 260 -1.70 -4.31 13.71
CA TYR A 260 -0.35 -3.80 13.86
C TYR A 260 0.08 -3.10 12.57
N PRO A 261 -0.62 -2.02 12.20
CA PRO A 261 -0.53 -1.43 10.85
C PRO A 261 0.86 -0.99 10.43
N PHE A 262 1.70 -0.64 11.38
CA PHE A 262 3.02 -0.10 11.06
C PHE A 262 4.14 -1.11 11.19
N ASP A 263 3.79 -2.38 11.31
CA ASP A 263 4.80 -3.45 11.36
C ASP A 263 4.80 -4.27 10.08
N PHE A 264 3.83 -4.00 9.22
CA PHE A 264 3.77 -4.58 7.89
C PHE A 264 4.24 -3.55 6.86
N GLY A 265 5.16 -3.93 5.97
CA GLY A 265 5.79 -3.01 5.03
C GLY A 265 4.89 -2.33 4.01
N ARG A 266 3.89 -1.60 4.54
CA ARG A 266 2.76 -0.98 3.83
C ARG A 266 2.24 -2.07 2.82
N PRO A 267 1.92 -1.80 1.51
CA PRO A 267 1.40 -3.07 0.99
C PRO A 267 2.44 -4.09 0.52
N PHE A 268 2.27 -5.40 0.77
CA PHE A 268 1.23 -6.11 1.53
C PHE A 268 -0.27 -5.81 1.37
N PHE A 269 -0.76 -4.73 1.98
CA PHE A 269 -2.20 -4.42 2.08
C PHE A 269 -2.95 -4.35 0.73
N PHE A 270 -2.39 -3.64 -0.24
CA PHE A 270 -3.01 -3.53 -1.55
C PHE A 270 -3.15 -4.89 -2.22
N SER A 271 -2.17 -5.76 -2.01
CA SER A 271 -2.17 -7.11 -2.58
C SER A 271 -3.40 -7.91 -2.19
N ARG A 272 -3.81 -7.81 -0.94
CA ARG A 272 -4.95 -8.57 -0.46
C ARG A 272 -6.28 -8.04 -0.98
N VAL A 273 -6.41 -6.72 -1.00
CA VAL A 273 -7.63 -6.10 -1.48
C VAL A 273 -7.84 -6.40 -2.95
N ILE A 274 -6.78 -6.39 -3.76
CA ILE A 274 -6.93 -6.68 -5.19
C ILE A 274 -7.46 -8.09 -5.40
N ARG A 275 -7.09 -9.00 -4.51
CA ARG A 275 -7.59 -10.36 -4.57
C ARG A 275 -9.10 -10.40 -4.46
N GLU A 276 -9.63 -9.53 -3.60
CA GLU A 276 -11.06 -9.45 -3.35
C GLU A 276 -11.86 -8.93 -4.55
N GLY A 277 -11.27 -8.01 -5.31
CA GLY A 277 -11.91 -7.48 -6.50
C GLY A 277 -12.13 -8.54 -7.56
N PHE A 278 -11.06 -9.25 -7.94
CA PHE A 278 -11.18 -10.29 -8.96
C PHE A 278 -12.06 -11.44 -8.46
N GLN A 279 -11.95 -11.77 -7.18
CA GLN A 279 -12.78 -12.85 -6.67
C GLN A 279 -14.26 -12.48 -6.66
N ALA A 280 -14.57 -11.23 -6.36
CA ALA A 280 -15.95 -10.76 -6.41
C ALA A 280 -16.49 -10.92 -7.84
N TYR A 281 -15.66 -10.52 -8.79
CA TYR A 281 -15.98 -10.66 -10.19
C TYR A 281 -16.29 -12.10 -10.57
N GLU A 282 -15.55 -13.05 -10.00
CA GLU A 282 -15.70 -14.44 -10.41
C GLU A 282 -16.68 -15.23 -9.56
N LEU A 283 -16.78 -14.96 -8.27
CA LEU A 283 -17.48 -15.92 -7.42
C LEU A 283 -18.79 -15.44 -6.83
N ASP A 284 -18.99 -14.14 -6.74
CA ASP A 284 -20.22 -13.61 -6.17
C ASP A 284 -21.36 -13.83 -7.15
N GLU A 285 -22.45 -14.42 -6.66
CA GLU A 285 -23.52 -14.79 -7.56
C GLU A 285 -24.80 -14.02 -7.24
N SER A 286 -24.66 -12.98 -6.43
CA SER A 286 -25.74 -12.02 -6.19
C SER A 286 -25.17 -10.74 -5.57
N ASP A 287 -25.88 -9.63 -5.75
CA ASP A 287 -25.45 -8.36 -5.21
C ASP A 287 -25.29 -8.47 -3.71
N ASP A 288 -26.19 -9.19 -3.07
CA ASP A 288 -26.11 -9.38 -1.64
C ASP A 288 -24.75 -9.96 -1.26
N GLU A 289 -24.25 -10.92 -2.04
CA GLU A 289 -22.97 -11.55 -1.71
C GLU A 289 -21.82 -10.54 -1.80
N THR A 290 -21.89 -9.65 -2.78
CA THR A 290 -20.88 -8.63 -2.94
C THR A 290 -20.97 -7.59 -1.83
N ARG A 291 -22.18 -7.39 -1.31
CA ARG A 291 -22.35 -6.40 -0.26
C ARG A 291 -21.88 -7.00 1.05
N GLU A 292 -21.97 -8.32 1.19
CA GLU A 292 -21.43 -8.98 2.38
C GLU A 292 -19.90 -8.86 2.33
N ARG A 293 -19.33 -9.12 1.15
CA ARG A 293 -17.89 -8.99 0.92
C ARG A 293 -17.38 -7.61 1.29
N ALA A 294 -18.04 -6.57 0.79
CA ALA A 294 -17.76 -5.20 1.19
C ALA A 294 -17.77 -4.99 2.72
N ARG A 295 -18.81 -5.49 3.38
CA ARG A 295 -18.92 -5.29 4.81
C ARG A 295 -17.78 -5.96 5.52
N ARG A 296 -17.56 -7.22 5.18
CA ARG A 296 -16.46 -8.03 5.71
C ARG A 296 -15.14 -7.30 5.62
N LEU A 297 -14.89 -6.69 4.47
CA LEU A 297 -13.63 -6.00 4.26
C LEU A 297 -13.53 -4.75 5.11
N GLY A 298 -14.61 -3.96 5.14
CA GLY A 298 -14.63 -2.73 5.92
C GLY A 298 -14.38 -2.92 7.40
N GLU A 299 -15.03 -3.94 7.97
CA GLU A 299 -14.91 -4.21 9.40
C GLU A 299 -13.57 -4.79 9.76
N ALA A 300 -13.06 -5.68 8.90
CA ALA A 300 -11.73 -6.27 9.05
C ALA A 300 -10.65 -5.22 9.07
N ILE A 301 -10.91 -4.08 8.43
CA ILE A 301 -9.92 -3.01 8.41
C ILE A 301 -10.14 -2.02 9.56
N ILE A 302 -11.37 -1.56 9.73
CA ILE A 302 -11.67 -0.52 10.69
C ILE A 302 -11.52 -0.97 12.13
N TYR A 303 -12.25 -2.02 12.49
CA TYR A 303 -12.32 -2.40 13.89
C TYR A 303 -10.99 -2.84 14.55
N PRO A 304 -10.14 -3.60 13.83
CA PRO A 304 -8.87 -3.91 14.54
C PRO A 304 -8.01 -2.67 14.78
N MET A 305 -8.01 -1.77 13.80
CA MET A 305 -7.33 -0.49 13.92
C MET A 305 -7.89 0.33 15.09
N LEU A 306 -9.21 0.47 15.12
CA LEU A 306 -9.87 1.22 16.18
C LEU A 306 -9.46 0.68 17.54
N GLU A 307 -9.56 -0.63 17.71
CA GLU A 307 -9.21 -1.23 19.00
C GLU A 307 -7.75 -1.04 19.32
N ARG A 308 -6.89 -1.14 18.32
CA ARG A 308 -5.46 -0.96 18.57
C ARG A 308 -5.18 0.41 19.12
N ILE A 309 -5.77 1.42 18.49
CA ILE A 309 -5.58 2.82 18.87
C ILE A 309 -6.15 3.06 20.28
N LYS A 310 -7.38 2.59 20.50
CA LYS A 310 -7.97 2.58 21.85
C LYS A 310 -7.04 1.92 22.87
N SER A 311 -6.56 0.72 22.56
CA SER A 311 -5.69 -0.01 23.46
C SER A 311 -4.41 0.75 23.82
N ILE A 312 -3.72 1.30 22.80
CA ILE A 312 -2.52 2.11 23.03
C ILE A 312 -2.83 3.42 23.78
N SER A 313 -3.98 4.01 23.47
CA SER A 313 -4.45 5.22 24.15
C SER A 313 -4.49 4.97 25.66
N ALA A 314 -4.83 3.75 26.04
CA ALA A 314 -4.98 3.38 27.44
C ALA A 314 -3.67 2.96 28.07
N GLY A 315 -2.56 3.11 27.34
CA GLY A 315 -1.25 2.84 27.90
C GLY A 315 -0.62 1.49 27.59
N GLU A 316 -1.34 0.61 26.92
CA GLU A 316 -0.79 -0.70 26.56
C GLU A 316 0.07 -0.67 25.30
N ALA A 317 1.29 -1.20 25.39
CA ALA A 317 2.10 -1.46 24.20
C ALA A 317 1.44 -2.51 23.32
N ALA A 318 1.77 -2.48 22.02
CA ALA A 318 1.24 -3.50 21.12
C ALA A 318 2.06 -4.78 21.21
N TYR A 319 1.38 -5.89 21.49
CA TYR A 319 2.04 -7.19 21.53
C TYR A 319 1.07 -8.35 21.38
N GLU A 320 1.61 -9.50 20.98
CA GLU A 320 0.84 -10.74 20.93
C GLU A 320 1.55 -11.85 21.70
N ASP A 321 0.76 -12.60 22.47
CA ASP A 321 1.26 -13.72 23.26
C ASP A 321 0.84 -15.05 22.65
N THR A 322 1.75 -16.01 22.72
CA THR A 322 1.44 -17.38 22.31
C THR A 322 2.04 -18.31 23.34
N VAL A 323 1.24 -19.23 23.87
CA VAL A 323 1.76 -20.18 24.86
C VAL A 323 2.13 -21.48 24.17
N ILE A 324 3.36 -21.93 24.38
CA ILE A 324 3.86 -23.13 23.72
C ILE A 324 4.43 -24.15 24.69
N ASP A 325 4.55 -25.40 24.24
CA ASP A 325 5.26 -26.44 24.97
C ASP A 325 6.76 -26.25 24.80
N VAL A 326 7.50 -26.28 25.91
CA VAL A 326 8.95 -26.35 25.83
C VAL A 326 9.50 -27.47 26.72
N GLU A 327 10.68 -27.96 26.36
CA GLU A 327 11.44 -28.87 27.20
C GLU A 327 11.65 -28.28 28.62
N ASP A 328 12.15 -27.04 28.69
CA ASP A 328 12.43 -26.36 29.96
C ASP A 328 12.62 -24.85 29.74
N ARG A 329 12.75 -24.05 30.81
CA ARG A 329 12.83 -22.59 30.62
C ARG A 329 14.02 -22.26 29.73
N GLU A 330 15.09 -23.02 29.88
CA GLU A 330 16.25 -22.85 29.03
C GLU A 330 15.91 -23.04 27.54
N ALA A 331 15.08 -24.03 27.23
CA ALA A 331 14.72 -24.27 25.83
C ALA A 331 13.92 -23.07 25.32
N ALA A 332 12.94 -22.66 26.09
CA ALA A 332 12.18 -21.44 25.80
C ALA A 332 13.11 -20.25 25.47
N GLU A 333 14.13 -20.05 26.29
CA GLU A 333 15.02 -18.91 26.15
C GLU A 333 15.85 -19.03 24.85
N GLU A 334 16.28 -20.26 24.56
CA GLU A 334 17.03 -20.53 23.34
C GLU A 334 16.16 -20.25 22.11
N PHE A 335 14.89 -20.62 22.20
CA PHE A 335 13.97 -20.32 21.11
C PHE A 335 13.79 -18.81 20.95
N ILE A 336 13.64 -18.10 22.06
CA ILE A 336 13.57 -16.63 22.03
C ILE A 336 14.77 -16.01 21.30
N ARG A 337 15.98 -16.48 21.60
CA ARG A 337 17.19 -15.97 20.95
C ARG A 337 17.10 -16.18 19.44
N HIS A 338 16.66 -17.37 19.05
CA HIS A 338 16.45 -17.70 17.66
C HIS A 338 15.47 -16.70 16.98
N LEU A 339 14.35 -16.40 17.64
CA LEU A 339 13.40 -15.41 17.14
C LEU A 339 14.03 -14.04 17.04
N VAL A 340 14.79 -13.66 18.07
CA VAL A 340 15.40 -12.34 18.13
C VAL A 340 16.36 -12.13 16.96
N ARG A 341 17.21 -13.11 16.71
CA ARG A 341 18.17 -12.97 15.63
C ARG A 341 17.48 -13.03 14.27
N LEU A 342 16.23 -13.46 14.26
CA LEU A 342 15.44 -13.41 13.02
C LEU A 342 14.90 -12.01 12.83
N GLY A 343 15.04 -11.18 13.86
CA GLY A 343 14.57 -9.82 13.81
C GLY A 343 13.26 -9.61 14.56
N VAL A 344 12.83 -10.65 15.27
CA VAL A 344 11.60 -10.57 16.05
C VAL A 344 11.85 -10.01 17.43
N SER A 345 11.10 -8.99 17.80
CA SER A 345 11.15 -8.48 19.15
C SER A 345 10.32 -9.38 20.03
N ALA A 346 10.99 -10.29 20.73
CA ALA A 346 10.30 -11.25 21.57
C ALA A 346 10.98 -11.40 22.93
N THR A 347 10.18 -11.71 23.96
CA THR A 347 10.70 -12.08 25.27
C THR A 347 9.85 -13.19 25.85
N LEU A 348 10.43 -13.90 26.80
CA LEU A 348 9.68 -14.84 27.60
C LEU A 348 8.86 -14.03 28.60
N ALA A 349 7.54 -14.12 28.51
CA ALA A 349 6.69 -13.30 29.37
C ALA A 349 6.24 -14.09 30.60
N ASP A 350 6.28 -15.40 30.51
CA ASP A 350 5.88 -16.24 31.62
C ASP A 350 6.38 -17.64 31.36
N TYR A 351 6.52 -18.42 32.43
CA TYR A 351 6.93 -19.80 32.26
C TYR A 351 6.55 -20.61 33.49
N ARG A 352 6.05 -21.81 33.22
CA ARG A 352 5.60 -22.74 34.24
C ARG A 352 5.62 -24.14 33.62
N ASP A 353 6.20 -25.10 34.34
CA ASP A 353 6.31 -26.47 33.86
C ASP A 353 7.03 -26.53 32.53
N GLY A 354 6.32 -26.87 31.47
CA GLY A 354 6.90 -26.83 30.15
C GLY A 354 6.15 -25.86 29.28
N ARG A 355 5.45 -24.91 29.92
CA ARG A 355 4.65 -23.96 29.16
C ARG A 355 5.17 -22.53 29.24
N ALA A 356 5.59 -22.04 28.09
CA ALA A 356 6.23 -20.75 27.99
C ALA A 356 5.33 -19.77 27.23
N THR A 357 5.16 -18.59 27.81
CA THR A 357 4.38 -17.59 27.12
C THR A 357 5.34 -16.74 26.32
N ILE A 358 5.33 -16.92 25.00
CA ILE A 358 6.16 -16.13 24.10
C ILE A 358 5.48 -14.79 23.78
N ARG A 359 6.12 -13.68 24.13
CA ARG A 359 5.55 -12.37 23.87
C ARG A 359 6.26 -11.71 22.71
N ARG A 360 5.51 -11.43 21.65
CA ARG A 360 6.07 -10.73 20.51
C ARG A 360 5.64 -9.26 20.55
N PHE A 361 6.61 -8.36 20.46
CA PHE A 361 6.32 -6.93 20.51
C PHE A 361 6.31 -6.30 19.13
N TYR A 362 5.37 -5.39 18.92
CA TYR A 362 5.28 -4.68 17.66
C TYR A 362 5.51 -3.19 17.89
N GLN A 363 6.79 -2.84 17.99
CA GLN A 363 7.20 -1.55 18.54
C GLN A 363 6.89 -0.42 17.57
N SER A 364 7.03 -0.68 16.28
CA SER A 364 6.73 0.33 15.27
C SER A 364 5.30 0.83 15.41
N THR A 365 4.38 -0.10 15.58
CA THR A 365 2.98 0.23 15.75
C THR A 365 2.76 0.96 17.05
N THR A 366 3.43 0.50 18.11
CA THR A 366 3.33 1.18 19.41
C THR A 366 3.93 2.60 19.32
N ASP A 367 5.14 2.73 18.81
CA ASP A 367 5.74 4.05 18.67
C ASP A 367 4.87 5.04 17.88
N ARG A 368 4.61 4.74 16.62
CA ARG A 368 3.92 5.67 15.74
C ARG A 368 2.51 6.03 16.21
N ILE A 369 1.73 5.04 16.63
CA ILE A 369 0.40 5.35 17.13
C ILE A 369 0.49 6.22 18.39
N ASN A 370 1.50 5.98 19.23
CA ASN A 370 1.76 6.86 20.39
C ASN A 370 2.12 8.28 19.99
N ASN A 371 3.06 8.42 19.05
CA ASN A 371 3.48 9.74 18.58
C ASN A 371 2.28 10.54 18.05
N TYR A 372 1.41 9.90 17.28
CA TYR A 372 0.22 10.57 16.75
C TYR A 372 -0.73 10.98 17.86
N LEU A 373 -0.94 10.06 18.79
CA LEU A 373 -1.78 10.29 19.95
C LEU A 373 -1.30 11.49 20.79
N LYS A 374 -0.01 11.81 20.68
CA LYS A 374 0.57 12.91 21.45
C LYS A 374 0.73 14.19 20.66
N GLY A 375 0.18 14.24 19.44
CA GLY A 375 0.17 15.47 18.67
C GLY A 375 1.20 15.51 17.57
N GLY A 376 1.85 14.38 17.32
CA GLY A 376 2.81 14.30 16.24
C GLY A 376 2.09 14.37 14.91
N LEU A 377 2.74 14.97 13.92
CA LEU A 377 2.12 15.24 12.64
C LEU A 377 2.32 14.09 11.65
N TYR A 378 1.31 13.82 10.83
CA TYR A 378 1.36 12.72 9.86
C TYR A 378 2.63 12.81 9.00
N ASP B 4 21.39 31.31 -22.78
CA ASP B 4 22.09 30.72 -21.64
C ASP B 4 21.52 31.25 -20.34
N ILE B 5 21.45 30.38 -19.33
CA ILE B 5 20.77 30.69 -18.08
C ILE B 5 21.65 31.49 -17.12
N PRO B 6 21.15 32.64 -16.64
CA PRO B 6 21.88 33.49 -15.70
C PRO B 6 21.89 32.94 -14.27
N PHE B 7 22.66 31.89 -14.00
CA PHE B 7 22.59 31.21 -12.71
C PHE B 7 22.92 32.10 -11.51
N ASP B 8 23.90 32.97 -11.65
CA ASP B 8 24.26 33.90 -10.58
C ASP B 8 23.11 34.81 -10.16
N LEU B 9 22.32 35.25 -11.14
CA LEU B 9 21.17 36.11 -10.87
C LEU B 9 20.11 35.32 -10.15
N ILE B 10 19.90 34.08 -10.59
CA ILE B 10 18.92 33.23 -9.93
C ILE B 10 19.37 32.89 -8.51
N GLN B 11 20.67 32.69 -8.30
CA GLN B 11 21.19 32.51 -6.94
C GLN B 11 20.88 33.75 -6.09
N GLU B 12 21.05 34.92 -6.67
CA GLU B 12 20.78 36.17 -5.95
C GLU B 12 19.30 36.26 -5.56
N ARG B 13 18.42 35.94 -6.51
CA ARG B 13 16.98 36.09 -6.33
C ARG B 13 16.31 34.91 -5.63
N THR B 14 17.06 33.85 -5.33
CA THR B 14 16.47 32.69 -4.67
C THR B 14 17.26 32.20 -3.48
N GLY B 15 18.50 32.68 -3.31
CA GLY B 15 19.33 32.19 -2.24
C GLY B 15 19.88 30.79 -2.44
N VAL B 16 19.47 30.10 -3.50
CA VAL B 16 20.05 28.77 -3.79
C VAL B 16 21.39 28.94 -4.50
N PRO B 17 22.46 28.36 -3.94
CA PRO B 17 23.77 28.46 -4.59
C PRO B 17 23.72 28.06 -6.07
N SER B 18 24.50 28.76 -6.87
CA SER B 18 24.70 28.45 -8.28
C SER B 18 24.96 26.96 -8.54
N SER B 19 25.86 26.39 -7.75
CA SER B 19 26.24 25.00 -7.90
C SER B 19 25.04 24.08 -7.84
N ARG B 20 24.15 24.28 -6.87
CA ARG B 20 23.01 23.39 -6.72
C ARG B 20 22.02 23.57 -7.85
N LEU B 21 21.98 24.78 -8.43
CA LEU B 21 21.08 25.03 -9.55
C LEU B 21 21.55 24.32 -10.81
N LYS B 22 22.85 24.40 -11.07
CA LYS B 22 23.46 23.77 -12.24
C LYS B 22 23.34 22.26 -12.16
N VAL B 23 23.50 21.73 -10.97
CA VAL B 23 23.38 20.30 -10.77
C VAL B 23 21.94 19.86 -10.97
N ALA B 24 20.99 20.65 -10.46
CA ALA B 24 19.57 20.29 -10.63
C ALA B 24 19.19 20.43 -12.10
N PHE B 25 19.73 21.45 -12.77
CA PHE B 25 19.50 21.60 -14.20
C PHE B 25 20.03 20.37 -14.94
N ALA B 26 21.17 19.85 -14.51
CA ALA B 26 21.75 18.65 -15.10
C ALA B 26 20.78 17.45 -15.02
N ARG B 27 19.77 17.57 -14.17
CA ARG B 27 18.64 16.63 -14.13
C ARG B 27 17.30 17.38 -14.34
N GLY B 28 16.83 18.13 -13.34
CA GLY B 28 15.62 18.92 -13.46
C GLY B 28 15.06 19.42 -12.15
N SER B 29 14.60 20.68 -12.03
CA SER B 29 14.99 21.93 -12.76
C SER B 29 15.02 22.01 -14.29
N LEU B 30 13.94 22.53 -14.87
CA LEU B 30 13.82 22.57 -16.32
C LEU B 30 13.58 23.97 -16.89
N ARG B 31 13.99 24.07 -18.14
CA ARG B 31 14.14 25.30 -18.91
C ARG B 31 13.04 25.45 -19.94
N LEU B 32 12.20 26.48 -19.84
CA LEU B 32 11.15 26.59 -20.84
C LEU B 32 10.84 28.02 -21.27
N LEU B 33 10.03 28.15 -22.31
CA LEU B 33 9.60 29.45 -22.78
C LEU B 33 8.12 29.60 -22.43
N GLU B 34 7.76 30.73 -21.84
CA GLU B 34 6.36 30.94 -21.48
C GLU B 34 6.03 32.42 -21.37
N SER B 35 4.82 32.75 -21.79
CA SER B 35 4.31 34.12 -21.79
C SER B 35 5.28 35.20 -22.31
N ALA B 36 5.83 35.06 -23.52
CA ALA B 36 5.67 33.93 -24.43
C ALA B 36 6.88 34.05 -25.32
N GLY B 37 7.53 35.20 -25.15
CA GLY B 37 8.87 35.44 -25.61
C GLY B 37 9.69 35.58 -24.35
N MET B 38 9.07 35.21 -23.22
CA MET B 38 9.82 35.12 -21.98
C MET B 38 10.44 33.73 -21.81
N GLN B 39 11.73 33.68 -21.47
CA GLN B 39 12.30 32.41 -21.07
C GLN B 39 12.15 32.23 -19.54
N ALA B 40 11.83 31.01 -19.12
CA ALA B 40 11.53 30.79 -17.70
C ALA B 40 12.06 29.48 -17.19
N LEU B 41 12.23 29.41 -15.87
CA LEU B 41 12.78 28.26 -15.17
C LEU B 41 11.79 27.62 -14.22
N LEU B 42 11.52 26.35 -14.46
CA LEU B 42 10.55 25.60 -13.67
C LEU B 42 11.25 24.60 -12.74
N PHE B 43 11.00 24.75 -11.45
CA PHE B 43 11.55 23.86 -10.46
C PHE B 43 10.62 22.67 -10.24
N LYS B 44 10.97 21.51 -10.80
CA LYS B 44 10.12 20.35 -10.67
C LYS B 44 10.17 19.77 -9.25
N LYS B 45 11.32 19.91 -8.60
CA LYS B 45 11.46 19.40 -7.25
C LYS B 45 11.76 20.57 -6.33
N PRO B 46 11.56 20.39 -5.02
CA PRO B 46 11.99 21.44 -4.10
C PRO B 46 13.51 21.61 -4.13
N LEU B 47 13.99 22.74 -3.62
CA LEU B 47 15.42 23.04 -3.67
C LEU B 47 15.68 24.21 -2.75
N GLY B 48 16.30 23.93 -1.60
CA GLY B 48 16.46 24.90 -0.55
C GLY B 48 15.09 25.42 -0.16
N ASP B 49 14.95 26.75 -0.04
CA ASP B 49 13.66 27.34 0.34
C ASP B 49 12.64 27.29 -0.80
N LEU B 50 13.08 27.03 -2.02
CA LEU B 50 12.16 27.04 -3.15
C LEU B 50 11.31 25.77 -3.15
N GLU B 51 10.00 25.95 -3.32
CA GLU B 51 9.04 24.87 -3.31
C GLU B 51 8.89 24.27 -4.70
N ALA B 52 8.49 23.01 -4.78
CA ALA B 52 8.19 22.40 -6.07
C ALA B 52 7.14 23.23 -6.78
N GLY B 53 7.28 23.40 -8.10
CA GLY B 53 6.33 24.20 -8.86
C GLY B 53 6.64 25.69 -8.85
N THR B 54 7.72 26.08 -8.18
CA THR B 54 8.30 27.40 -8.34
C THR B 54 8.67 27.66 -9.81
N VAL B 55 8.32 28.84 -10.32
CA VAL B 55 8.72 29.23 -11.67
C VAL B 55 9.35 30.63 -11.65
N ILE B 56 10.49 30.78 -12.31
CA ILE B 56 11.12 32.09 -12.40
C ILE B 56 10.99 32.65 -13.81
N TYR B 57 10.39 33.83 -13.92
CA TYR B 57 10.22 34.47 -15.21
C TYR B 57 11.34 35.46 -15.45
N LEU B 58 12.12 35.20 -16.50
CA LEU B 58 13.21 36.09 -16.86
C LEU B 58 12.73 37.18 -17.83
N GLY B 59 12.10 38.22 -17.28
CA GLY B 59 11.64 39.34 -18.07
C GLY B 59 12.36 40.62 -17.70
N ASP B 60 11.76 41.77 -18.02
CA ASP B 60 12.34 43.05 -17.65
C ASP B 60 12.61 43.07 -16.15
N GLU B 61 11.68 42.53 -15.37
CA GLU B 61 11.94 42.19 -13.97
C GLU B 61 12.15 40.67 -13.83
N THR B 62 12.98 40.27 -12.89
CA THR B 62 13.13 38.85 -12.58
C THR B 62 12.19 38.49 -11.45
N GLU B 63 11.13 37.76 -11.79
CA GLU B 63 10.07 37.44 -10.88
C GLU B 63 10.02 35.96 -10.56
N VAL B 64 10.10 35.65 -9.27
CA VAL B 64 10.00 34.27 -8.81
C VAL B 64 8.58 33.99 -8.33
N ILE B 65 7.79 33.28 -9.13
CA ILE B 65 6.50 32.81 -8.65
C ILE B 65 6.72 31.52 -7.85
N ARG B 66 6.78 31.68 -6.53
CA ARG B 66 7.06 30.58 -5.63
C ARG B 66 5.97 29.53 -5.69
N GLY B 67 6.36 28.26 -5.58
CA GLY B 67 5.40 27.18 -5.50
C GLY B 67 4.55 27.31 -4.27
N PHE B 68 3.33 26.78 -4.34
CA PHE B 68 2.48 26.82 -3.18
C PHE B 68 2.93 25.73 -2.21
N PRO B 69 3.20 26.10 -0.96
CA PRO B 69 3.78 25.16 -0.01
C PRO B 69 2.90 23.94 0.26
N LYS B 70 3.55 22.82 0.54
CA LYS B 70 2.89 21.63 1.05
C LYS B 70 2.23 21.95 2.37
N ILE B 71 1.07 21.38 2.62
CA ILE B 71 0.41 21.65 3.88
C ILE B 71 0.39 20.37 4.70
N ARG B 72 0.90 20.44 5.93
CA ARG B 72 1.00 19.23 6.74
C ARG B 72 -0.39 18.75 7.11
N ARG B 73 -0.53 17.43 7.23
CA ARG B 73 -1.80 16.81 7.61
C ARG B 73 -1.80 16.32 9.05
N THR B 74 -2.95 16.39 9.71
CA THR B 74 -3.06 15.73 11.01
C THR B 74 -4.20 14.71 11.00
N LEU B 75 -4.04 13.65 11.77
CA LEU B 75 -5.03 12.59 11.81
C LEU B 75 -5.96 12.79 12.98
N LEU B 76 -5.57 13.69 13.88
CA LEU B 76 -6.33 13.96 15.09
C LEU B 76 -6.52 15.45 15.34
N LEU B 77 -7.67 15.76 15.94
CA LEU B 77 -7.97 17.13 16.33
C LEU B 77 -7.34 17.42 17.68
N SER B 78 -7.41 16.47 18.60
CA SER B 78 -6.81 16.68 19.91
C SER B 78 -5.81 15.58 20.24
N PRO B 79 -4.68 15.94 20.87
CA PRO B 79 -4.26 17.27 21.34
C PRO B 79 -3.46 18.00 20.28
N THR B 80 -3.49 17.48 19.05
CA THR B 80 -2.60 17.93 17.99
C THR B 80 -2.71 19.43 17.65
N ILE B 81 -3.93 19.95 17.61
CA ILE B 81 -4.14 21.36 17.30
C ILE B 81 -3.45 22.24 18.35
N GLN B 82 -3.57 21.88 19.62
CA GLN B 82 -3.06 22.80 20.62
C GLN B 82 -1.57 22.57 20.88
N GLU B 83 -1.03 21.45 20.37
CA GLU B 83 0.42 21.21 20.39
C GLU B 83 1.12 21.96 19.26
N HIS B 84 0.35 22.28 18.22
CA HIS B 84 0.88 22.89 17.01
C HIS B 84 0.70 24.41 16.99
N PHE B 85 -0.51 24.88 17.26
CA PHE B 85 -0.82 26.28 17.08
C PHE B 85 -0.53 27.12 18.31
N ARG B 86 -0.65 28.44 18.17
CA ARG B 86 -0.35 29.40 19.23
C ARG B 86 -1.52 30.39 19.38
N ASP B 87 -2.25 30.30 20.48
CA ASP B 87 -3.29 31.28 20.84
C ASP B 87 -4.64 31.13 20.13
N ARG B 88 -4.65 31.32 18.82
CA ARG B 88 -5.88 31.24 18.01
C ARG B 88 -5.68 30.40 16.73
N VAL B 89 -6.79 29.88 16.21
CA VAL B 89 -6.81 29.01 15.05
C VAL B 89 -7.91 29.44 14.06
N ALA B 90 -7.54 29.83 12.85
CA ALA B 90 -8.55 30.13 11.86
C ALA B 90 -8.87 28.86 11.06
N VAL B 91 -10.16 28.64 10.80
CA VAL B 91 -10.60 27.39 10.19
C VAL B 91 -11.41 27.61 8.90
N GLU B 92 -10.74 27.36 7.78
CA GLU B 92 -11.30 27.54 6.45
C GLU B 92 -11.75 26.22 5.86
N GLU B 93 -12.70 26.28 4.94
CA GLU B 93 -13.13 25.06 4.28
C GLU B 93 -12.04 24.61 3.31
O APK B 94 -12.59 21.52 1.19
C APK B 94 -11.69 22.36 1.11
CA APK B 94 -10.86 22.73 2.33
N APK B 94 -11.75 23.31 3.31
CB APK B 94 -10.11 21.50 2.90
CG APK B 94 -9.10 20.88 1.95
CD APK B 94 -8.19 19.84 2.66
CE APK B 94 -6.79 19.75 1.98
NZ APK B 94 -6.77 19.08 0.62
P APK B 94 -4.98 18.70 -0.11
O1P APK B 94 -4.51 17.30 0.19
O2P APK B 94 -5.28 18.78 -1.71
O5' APK B 94 -3.69 19.65 0.26
C5' APK B 94 -3.59 21.05 0.26
C4' APK B 94 -4.26 21.64 -0.94
O4' APK B 94 -5.62 21.98 -0.64
C3' APK B 94 -3.61 22.93 -1.36
O3' APK B 94 -2.51 22.67 -2.22
C2' APK B 94 -4.77 23.68 -2.01
O2' APK B 94 -4.72 23.42 -3.38
C1' APK B 94 -6.06 23.04 -1.50
N9 APK B 94 -6.96 23.88 -0.65
C8 APK B 94 -8.34 23.81 -0.65
N7 APK B 94 -8.86 24.69 0.26
C5 APK B 94 -7.83 25.34 0.89
C4 APK B 94 -6.57 24.79 0.29
N3 APK B 94 -5.35 25.27 0.72
C2 APK B 94 -5.27 26.25 1.65
N1 APK B 94 -6.37 26.80 2.27
C6 APK B 94 -7.65 26.39 1.97
N6 APK B 94 -8.66 26.99 2.62
N MET B 95 -11.41 23.00 -0.02
CA MET B 95 -12.13 22.78 -1.27
C MET B 95 -11.45 21.73 -2.12
N ASN B 96 -12.23 20.81 -2.69
CA ASN B 96 -11.67 19.75 -3.53
C ASN B 96 -11.71 20.07 -5.02
N GLY B 97 -10.64 20.67 -5.51
CA GLY B 97 -10.52 20.96 -6.92
C GLY B 97 -9.07 20.88 -7.31
N TYR B 98 -8.55 21.92 -7.95
CA TYR B 98 -7.13 21.97 -8.17
C TYR B 98 -6.58 23.37 -7.88
N ASN B 99 -5.33 23.37 -7.45
CA ASN B 99 -4.59 24.49 -6.93
C ASN B 99 -4.14 25.40 -8.06
N VAL B 100 -4.35 26.71 -7.90
CA VAL B 100 -4.01 27.64 -8.96
C VAL B 100 -3.32 28.88 -8.39
N ARG B 101 -2.22 29.27 -9.00
CA ARG B 101 -1.61 30.56 -8.70
C ARG B 101 -1.82 31.53 -9.88
N ILE B 102 -2.40 32.68 -9.59
CA ILE B 102 -2.62 33.70 -10.59
C ILE B 102 -1.73 34.90 -10.32
N ALA B 103 -0.85 35.24 -11.26
CA ALA B 103 0.00 36.41 -11.08
C ALA B 103 0.00 37.33 -12.31
N CYS B 104 0.10 38.63 -12.07
CA CYS B 104 0.35 39.55 -13.16
C CYS B 104 1.86 39.74 -13.29
N LEU B 105 2.41 39.30 -14.41
CA LEU B 105 3.86 39.37 -14.63
C LEU B 105 4.27 40.80 -14.98
N SER B 106 5.57 41.07 -14.93
CA SER B 106 6.08 42.42 -15.19
C SER B 106 5.75 42.88 -16.61
N SER B 107 5.52 41.93 -17.50
CA SER B 107 5.18 42.26 -18.87
C SER B 107 3.73 42.72 -19.00
N GLY B 108 2.96 42.61 -17.92
CA GLY B 108 1.56 42.97 -17.94
C GLY B 108 0.64 41.81 -18.30
N GLU B 109 1.24 40.67 -18.62
CA GLU B 109 0.47 39.48 -18.91
C GLU B 109 0.03 38.75 -17.64
N THR B 110 -1.22 38.27 -17.64
CA THR B 110 -1.77 37.51 -16.53
C THR B 110 -1.60 36.02 -16.80
N VAL B 111 -1.22 35.29 -15.76
CA VAL B 111 -0.85 33.90 -15.91
C VAL B 111 -1.46 33.07 -14.76
N ALA B 112 -2.06 31.93 -15.08
CA ALA B 112 -2.56 31.01 -14.06
C ALA B 112 -1.76 29.70 -14.07
N LEU B 113 -1.08 29.41 -12.96
CA LEU B 113 -0.22 28.23 -12.87
C LEU B 113 -0.85 27.09 -12.10
N THR B 114 -0.85 25.89 -12.67
CA THR B 114 -1.22 24.69 -11.90
C THR B 114 -0.09 24.34 -10.95
N ARG B 115 -0.29 23.34 -10.10
CA ARG B 115 0.63 23.12 -8.99
C ARG B 115 2.09 22.88 -9.45
N GLY B 116 2.27 22.30 -10.63
CA GLY B 116 3.62 21.96 -11.11
C GLY B 116 4.37 23.13 -11.73
N GLY B 117 3.69 24.27 -11.87
CA GLY B 117 4.32 25.48 -12.37
C GLY B 117 3.95 25.77 -13.81
N HIS B 118 3.11 24.94 -14.39
CA HIS B 118 2.74 25.12 -15.80
C HIS B 118 1.60 26.10 -16.00
N VAL B 119 1.73 26.94 -17.02
CA VAL B 119 0.60 27.76 -17.40
C VAL B 119 -0.47 26.88 -18.04
N CYS B 120 -1.66 26.84 -17.46
CA CYS B 120 -2.73 26.09 -18.07
C CYS B 120 -3.55 27.05 -18.91
N PRO B 121 -3.63 26.80 -20.23
CA PRO B 121 -4.30 27.80 -21.08
C PRO B 121 -5.79 27.83 -20.78
N PHE B 122 -6.36 26.68 -20.44
CA PHE B 122 -7.76 26.64 -20.06
C PHE B 122 -7.98 27.46 -18.81
N THR B 123 -7.20 27.15 -17.78
CA THR B 123 -7.32 27.83 -16.48
C THR B 123 -7.07 29.33 -16.56
N THR B 124 -6.09 29.72 -17.36
CA THR B 124 -5.80 31.16 -17.54
C THR B 124 -7.01 31.90 -18.12
N ARG B 125 -7.70 31.25 -19.06
CA ARG B 125 -8.90 31.84 -19.64
C ARG B 125 -10.06 31.81 -18.65
N LYS B 126 -10.29 30.69 -17.96
CA LYS B 126 -11.40 30.60 -17.00
C LYS B 126 -11.26 31.58 -15.84
N ALA B 127 -10.03 31.76 -15.36
CA ALA B 127 -9.82 32.69 -14.24
C ALA B 127 -10.20 34.12 -14.64
N GLN B 128 -9.82 34.51 -15.86
CA GLN B 128 -10.09 35.85 -16.33
C GLN B 128 -11.58 36.07 -16.57
N GLU B 129 -12.27 35.04 -17.07
CA GLU B 129 -13.73 35.06 -17.17
C GLU B 129 -14.48 35.03 -15.84
N LEU B 130 -14.01 34.19 -14.91
CA LEU B 130 -14.65 34.06 -13.61
C LEU B 130 -14.34 35.25 -12.73
N LEU B 131 -13.12 35.76 -12.82
CA LEU B 131 -12.70 36.79 -11.88
C LEU B 131 -12.39 38.12 -12.53
N ASP B 132 -12.73 39.20 -11.84
CA ASP B 132 -12.38 40.53 -12.27
C ASP B 132 -11.09 40.93 -11.58
N LEU B 133 -9.98 40.74 -12.29
CA LEU B 133 -8.64 40.81 -11.70
C LEU B 133 -7.92 42.15 -11.83
N SER B 134 -8.37 42.99 -12.76
CA SER B 134 -7.53 44.05 -13.30
C SER B 134 -7.27 45.19 -12.30
N GLU B 135 -8.31 45.58 -11.56
CA GLU B 135 -8.14 46.57 -10.50
C GLU B 135 -7.26 46.05 -9.39
N PHE B 136 -7.43 44.77 -9.03
CA PHE B 136 -6.61 44.19 -7.96
C PHE B 136 -5.13 44.19 -8.33
N PHE B 137 -4.81 43.68 -9.50
CA PHE B 137 -3.41 43.56 -9.93
C PHE B 137 -2.76 44.90 -10.25
N ARG B 138 -3.58 45.90 -10.57
CA ARG B 138 -3.02 47.21 -10.88
C ARG B 138 -2.53 47.84 -9.59
N GLU B 139 -3.24 47.59 -8.50
CA GLU B 139 -2.85 48.08 -7.19
C GLU B 139 -1.90 47.12 -6.48
N HIS B 140 -1.98 45.83 -6.84
CA HIS B 140 -1.13 44.82 -6.19
C HIS B 140 -0.44 43.87 -7.17
N PRO B 141 0.46 44.41 -7.99
CA PRO B 141 1.08 43.61 -9.05
C PRO B 141 1.98 42.52 -8.50
N ASP B 142 2.46 42.67 -7.26
CA ASP B 142 3.38 41.70 -6.73
C ASP B 142 2.74 40.71 -5.74
N LEU B 143 1.42 40.63 -5.75
CA LEU B 143 0.72 39.63 -4.96
C LEU B 143 0.23 38.48 -5.84
N VAL B 144 0.47 37.26 -5.37
CA VAL B 144 0.01 36.10 -6.10
C VAL B 144 -1.29 35.58 -5.49
N ILE B 145 -2.31 35.43 -6.32
CA ILE B 145 -3.59 34.90 -5.88
C ILE B 145 -3.57 33.38 -5.89
N CYS B 146 -3.68 32.79 -4.70
CA CYS B 146 -3.67 31.33 -4.56
C CYS B 146 -5.07 30.84 -4.25
N GLY B 147 -5.59 29.92 -5.05
CA GLY B 147 -6.96 29.46 -4.85
C GLY B 147 -7.23 28.09 -5.39
N GLU B 148 -8.44 27.58 -5.15
CA GLU B 148 -8.88 26.30 -5.70
C GLU B 148 -9.91 26.52 -6.79
N MET B 149 -9.69 25.93 -7.96
CA MET B 149 -10.70 25.93 -9.03
C MET B 149 -11.55 24.69 -8.82
N ILE B 150 -12.84 24.90 -8.54
CA ILE B 150 -13.71 23.81 -8.11
C ILE B 150 -14.95 23.70 -8.98
N GLY B 151 -15.52 22.50 -9.02
CA GLY B 151 -16.81 22.30 -9.69
C GLY B 151 -16.91 20.97 -10.42
N ARG B 152 -18.14 20.60 -10.78
CA ARG B 152 -18.38 19.31 -11.40
C ARG B 152 -17.84 19.24 -12.81
N ASP B 153 -17.86 20.37 -13.51
CA ASP B 153 -17.32 20.44 -14.87
C ASP B 153 -15.88 20.98 -14.85
N ASN B 154 -15.02 20.21 -14.19
CA ASN B 154 -13.63 20.56 -13.94
C ASN B 154 -12.69 19.81 -14.89
N PRO B 155 -11.64 20.49 -15.37
CA PRO B 155 -10.70 19.80 -16.26
C PRO B 155 -9.77 18.85 -15.52
N TYR B 156 -9.63 18.98 -14.19
CA TYR B 156 -8.65 18.14 -13.50
C TYR B 156 -9.23 17.28 -12.39
N VAL B 157 -9.99 17.85 -11.48
CA VAL B 157 -10.64 17.01 -10.51
C VAL B 157 -12.01 17.56 -10.22
N SER B 158 -13.00 16.69 -10.34
CA SER B 158 -14.36 17.15 -10.43
C SER B 158 -15.16 16.77 -9.19
N GLN B 159 -15.80 17.77 -8.59
CA GLN B 159 -16.73 17.54 -7.51
C GLN B 159 -17.79 18.62 -7.56
N ASP B 160 -19.05 18.24 -7.39
CA ASP B 160 -20.11 19.22 -7.51
C ASP B 160 -20.12 20.19 -6.36
N TYR B 161 -19.90 21.46 -6.66
CA TYR B 161 -20.05 22.49 -5.65
C TYR B 161 -21.13 23.46 -6.09
N PRO B 162 -22.37 23.22 -5.63
CA PRO B 162 -23.55 24.01 -6.01
C PRO B 162 -23.28 25.50 -6.01
N GLU B 163 -22.65 26.03 -4.96
CA GLU B 163 -22.42 27.47 -4.84
C GLU B 163 -21.61 28.11 -5.99
N VAL B 164 -21.01 27.31 -6.86
CA VAL B 164 -20.27 27.90 -7.98
C VAL B 164 -20.81 27.48 -9.35
N GLY B 165 -21.85 26.65 -9.35
CA GLY B 165 -22.38 26.19 -10.62
C GLY B 165 -21.50 25.13 -11.24
N PRO B 166 -21.42 25.11 -12.57
CA PRO B 166 -20.58 24.12 -13.25
C PRO B 166 -19.10 24.24 -12.85
N LEU B 167 -18.64 25.46 -12.58
CA LEU B 167 -17.24 25.71 -12.34
C LEU B 167 -16.97 27.11 -11.78
N GLY B 168 -16.22 27.19 -10.70
CA GLY B 168 -15.91 28.45 -10.05
C GLY B 168 -14.57 28.37 -9.31
N PHE B 169 -14.30 29.41 -8.53
CA PHE B 169 -12.98 29.66 -7.96
C PHE B 169 -13.11 30.25 -6.56
N ARG B 170 -12.27 29.79 -5.66
CA ARG B 170 -12.21 30.33 -4.30
C ARG B 170 -10.76 30.59 -3.93
N VAL B 171 -10.47 31.80 -3.48
CA VAL B 171 -9.13 32.22 -3.05
C VAL B 171 -8.83 31.82 -1.59
N PHE B 172 -7.71 31.14 -1.35
CA PHE B 172 -7.36 30.81 0.03
C PHE B 172 -6.02 31.42 0.51
N ASP B 173 -5.39 32.28 -0.28
CA ASP B 173 -4.08 32.84 0.10
C ASP B 173 -3.67 33.99 -0.81
N LEU B 174 -2.98 34.98 -0.24
CA LEU B 174 -2.29 35.99 -1.03
C LEU B 174 -0.83 35.91 -0.64
N ARG B 175 0.04 35.70 -1.61
CA ARG B 175 1.45 35.49 -1.33
C ARG B 175 2.36 36.34 -2.21
N GLU B 176 3.38 36.91 -1.59
CA GLU B 176 4.27 37.81 -2.28
C GLU B 176 5.10 37.09 -3.30
N LYS B 177 5.25 37.71 -4.47
CA LYS B 177 6.27 37.27 -5.42
C LYS B 177 7.61 37.24 -4.70
N ASN B 178 8.46 36.31 -5.11
CA ASN B 178 9.84 36.18 -4.64
C ASN B 178 9.97 35.58 -3.23
N THR B 179 9.24 36.11 -2.25
CA THR B 179 9.39 35.64 -0.88
C THR B 179 8.40 34.55 -0.44
N ASN B 180 7.29 34.43 -1.18
CA ASN B 180 6.13 33.59 -0.82
C ASN B 180 5.49 34.00 0.52
N ARG B 181 5.81 35.19 1.03
CA ARG B 181 5.20 35.62 2.28
C ARG B 181 3.68 35.76 2.15
N PRO B 182 2.93 35.10 3.04
CA PRO B 182 1.47 35.22 2.97
C PRO B 182 0.95 36.38 3.79
N LEU B 183 -0.12 37.03 3.32
CA LEU B 183 -0.82 38.02 4.12
C LEU B 183 -1.48 37.33 5.30
N PRO B 184 -1.64 38.04 6.43
CA PRO B 184 -2.37 37.46 7.54
C PRO B 184 -3.79 37.14 7.11
N VAL B 185 -4.41 36.15 7.73
CA VAL B 185 -5.69 35.63 7.24
C VAL B 185 -6.79 36.70 7.14
N GLU B 186 -7.00 37.40 8.23
CA GLU B 186 -8.13 38.34 8.28
C GLU B 186 -7.91 39.52 7.38
N GLU B 187 -6.67 40.01 7.32
CA GLU B 187 -6.34 41.09 6.39
C GLU B 187 -6.54 40.60 4.94
N ARG B 188 -6.03 39.40 4.64
CA ARG B 188 -6.19 38.82 3.31
C ARG B 188 -7.65 38.78 2.91
N ARG B 189 -8.50 38.31 3.82
CA ARG B 189 -9.91 38.16 3.52
C ARG B 189 -10.58 39.50 3.24
N ALA B 190 -10.26 40.52 4.03
CA ALA B 190 -10.85 41.84 3.84
C ALA B 190 -10.34 42.49 2.57
N LEU B 191 -9.05 42.30 2.28
CA LEU B 191 -8.46 42.85 1.07
C LEU B 191 -9.22 42.33 -0.14
N LEU B 192 -9.38 41.01 -0.19
CA LEU B 192 -10.09 40.37 -1.30
C LEU B 192 -11.54 40.86 -1.42
N ASP B 193 -12.25 40.93 -0.29
CA ASP B 193 -13.59 41.49 -0.28
C ASP B 193 -13.64 42.87 -0.92
N SER B 194 -12.68 43.74 -0.60
CA SER B 194 -12.81 45.11 -1.05
C SER B 194 -12.66 45.22 -2.58
N TYR B 195 -12.06 44.20 -3.20
CA TYR B 195 -11.94 44.19 -4.67
C TYR B 195 -12.95 43.25 -5.30
N GLY B 196 -13.84 42.70 -4.48
CA GLY B 196 -14.91 41.84 -5.01
C GLY B 196 -14.46 40.44 -5.41
N LEU B 197 -13.34 40.02 -4.85
CA LEU B 197 -12.82 38.68 -5.13
C LEU B 197 -13.34 37.69 -4.09
N PRO B 198 -13.64 36.45 -4.50
CA PRO B 198 -14.33 35.50 -3.62
C PRO B 198 -13.40 34.67 -2.71
N ASN B 199 -13.57 34.84 -1.40
CA ASN B 199 -12.87 34.08 -0.38
C ASN B 199 -13.40 32.65 -0.19
N VAL B 200 -12.53 31.68 0.10
CA VAL B 200 -13.00 30.38 0.62
C VAL B 200 -13.79 30.68 1.87
N ARG B 201 -14.72 29.79 2.18
CA ARG B 201 -15.42 29.89 3.43
C ARG B 201 -14.47 29.84 4.61
N LEU B 202 -14.65 30.77 5.54
CA LEU B 202 -13.99 30.78 6.83
C LEU B 202 -15.02 30.55 7.92
N PHE B 203 -14.97 29.41 8.61
CA PHE B 203 -15.98 29.15 9.63
C PHE B 203 -15.81 30.05 10.85
N GLY B 204 -14.58 30.32 11.25
CA GLY B 204 -14.36 31.14 12.42
C GLY B 204 -12.90 31.22 12.81
N VAL B 205 -12.60 32.07 13.78
CA VAL B 205 -11.28 32.08 14.38
C VAL B 205 -11.49 31.79 15.85
N TYR B 206 -10.95 30.67 16.32
CA TYR B 206 -11.26 30.16 17.66
C TYR B 206 -10.03 30.15 18.55
N PRO B 207 -10.23 30.37 19.85
CA PRO B 207 -9.14 30.15 20.79
C PRO B 207 -8.76 28.68 20.80
N ILE B 208 -7.45 28.38 20.92
CA ILE B 208 -6.94 27.01 20.82
C ILE B 208 -7.68 26.06 21.71
N GLU B 209 -8.01 26.53 22.90
CA GLU B 209 -8.67 25.67 23.88
C GLU B 209 -9.99 25.14 23.32
N GLU B 210 -10.62 25.91 22.44
CA GLU B 210 -11.89 25.50 21.89
C GLU B 210 -11.80 24.96 20.46
N ALA B 211 -10.62 25.06 19.86
CA ALA B 211 -10.46 24.83 18.42
C ALA B 211 -10.89 23.41 17.99
N ALA B 212 -10.47 22.41 18.75
CA ALA B 212 -10.73 20.99 18.41
C ALA B 212 -12.22 20.63 18.38
N SER B 213 -12.97 20.98 19.42
CA SER B 213 -14.41 20.71 19.40
C SER B 213 -15.15 21.53 18.35
N GLU B 214 -14.58 22.69 17.99
CA GLU B 214 -15.21 23.50 16.94
C GLU B 214 -15.03 22.81 15.58
N VAL B 215 -13.79 22.44 15.28
CA VAL B 215 -13.50 21.66 14.07
C VAL B 215 -14.31 20.36 14.01
N ALA B 216 -14.38 19.65 15.13
CA ALA B 216 -15.17 18.42 15.18
C ALA B 216 -16.60 18.64 14.72
N ASP B 217 -17.20 19.77 15.11
CA ASP B 217 -18.54 20.10 14.63
C ASP B 217 -18.56 20.51 13.16
N ILE B 218 -17.60 21.32 12.74
CA ILE B 218 -17.50 21.71 11.33
C ILE B 218 -17.35 20.48 10.44
N ILE B 219 -16.46 19.58 10.84
CA ILE B 219 -16.24 18.35 10.09
C ILE B 219 -17.51 17.50 10.00
N ARG B 220 -18.24 17.39 11.10
CA ARG B 220 -19.49 16.64 11.09
C ARG B 220 -20.46 17.26 10.10
N ALA B 221 -20.45 18.59 10.04
CA ALA B 221 -21.27 19.31 9.08
C ALA B 221 -20.77 19.06 7.65
N LEU B 222 -19.47 19.13 7.44
CA LEU B 222 -18.96 18.97 6.09
C LEU B 222 -19.17 17.53 5.60
N GLY B 223 -19.03 16.57 6.50
CA GLY B 223 -19.20 15.17 6.15
C GLY B 223 -20.62 14.87 5.68
N MET B 224 -21.59 15.27 6.47
CA MET B 224 -22.99 15.08 6.14
C MET B 224 -23.36 15.87 4.89
N ALA B 225 -22.49 16.77 4.45
CA ALA B 225 -22.77 17.58 3.26
C ALA B 225 -21.89 17.21 2.07
N GLY B 226 -20.98 16.26 2.27
CA GLY B 226 -20.16 15.73 1.18
C GLY B 226 -18.96 16.60 0.83
N ARG B 227 -18.49 17.40 1.78
CA ARG B 227 -17.38 18.31 1.53
C ARG B 227 -16.08 17.74 2.07
N GLU B 228 -14.94 18.28 1.64
CA GLU B 228 -13.68 17.57 1.79
C GLU B 228 -13.13 17.60 3.22
N GLY B 229 -13.24 18.75 3.85
CA GLY B 229 -12.64 18.93 5.16
C GLY B 229 -12.29 20.38 5.41
N VAL B 230 -11.15 20.57 6.04
CA VAL B 230 -10.79 21.82 6.64
C VAL B 230 -9.27 22.10 6.57
N VAL B 231 -8.90 23.36 6.38
CA VAL B 231 -7.52 23.79 6.56
C VAL B 231 -7.48 24.75 7.73
N MET B 232 -6.64 24.42 8.72
CA MET B 232 -6.47 25.19 9.95
C MET B 232 -5.20 26.04 9.84
N LYS B 233 -5.28 27.26 10.35
CA LYS B 233 -4.30 28.28 10.07
C LYS B 233 -4.09 29.17 11.28
N ASP B 234 -2.84 29.54 11.52
CA ASP B 234 -2.51 30.58 12.48
C ASP B 234 -2.84 31.95 11.87
N PRO B 235 -3.73 32.75 12.51
CA PRO B 235 -4.22 34.00 11.90
C PRO B 235 -3.11 34.87 11.30
N SER B 236 -1.96 34.87 11.94
CA SER B 236 -0.81 35.64 11.48
C SER B 236 0.18 34.82 10.65
N MET B 237 -0.17 33.55 10.43
CA MET B 237 0.65 32.63 9.65
C MET B 237 2.08 32.48 10.19
N GLU B 238 2.25 32.67 11.50
CA GLU B 238 3.53 32.43 12.18
C GLU B 238 3.86 30.94 12.21
N VAL B 239 2.82 30.13 12.28
CA VAL B 239 2.96 28.67 12.31
C VAL B 239 2.28 28.11 11.06
N PRO B 240 2.86 27.06 10.44
CA PRO B 240 2.27 26.57 9.19
C PRO B 240 0.89 25.95 9.39
N PRO B 241 0.08 25.85 8.31
CA PRO B 241 -1.28 25.30 8.39
C PRO B 241 -1.33 23.80 8.57
N LEU B 242 -2.46 23.31 9.05
CA LEU B 242 -2.72 21.88 9.03
C LEU B 242 -3.96 21.61 8.21
N LYS B 243 -3.97 20.49 7.48
CA LYS B 243 -5.18 20.06 6.80
C LYS B 243 -5.77 18.84 7.49
N TYR B 244 -7.10 18.74 7.47
CA TYR B 244 -7.80 17.63 8.11
C TYR B 244 -9.04 17.30 7.32
N THR B 245 -9.18 16.05 6.89
CA THR B 245 -10.23 15.72 5.94
C THR B 245 -11.34 14.81 6.49
N SER B 246 -12.50 14.86 5.85
CA SER B 246 -13.69 14.14 6.30
C SER B 246 -13.71 12.67 5.83
N SER B 247 -14.56 11.84 6.44
CA SER B 247 -14.70 10.43 6.09
C SER B 247 -15.26 10.26 4.69
N GLN B 248 -16.23 11.10 4.33
CA GLN B 248 -16.82 11.08 3.00
C GLN B 248 -15.82 11.46 1.92
N ALA B 249 -14.88 12.35 2.24
CA ALA B 249 -13.79 12.67 1.33
C ALA B 249 -12.95 11.43 1.04
N HIS B 250 -12.66 10.68 2.10
CA HIS B 250 -11.81 9.49 1.99
C HIS B 250 -12.48 8.42 1.12
N ALA B 251 -13.78 8.21 1.36
CA ALA B 251 -14.57 7.28 0.55
C ALA B 251 -14.45 7.63 -0.90
N ARG B 252 -14.71 8.90 -1.19
CA ARG B 252 -14.68 9.42 -2.55
C ARG B 252 -13.34 9.20 -3.21
N GLU B 253 -12.27 9.55 -2.51
CA GLU B 253 -10.92 9.28 -2.96
C GLU B 253 -10.65 7.81 -3.25
N LEU B 254 -11.00 6.94 -2.30
CA LEU B 254 -10.75 5.51 -2.45
C LEU B 254 -11.54 4.91 -3.60
N ALA B 255 -12.81 5.29 -3.69
CA ALA B 255 -13.66 4.86 -4.79
C ALA B 255 -13.04 5.19 -6.12
N TYR B 256 -12.51 6.40 -6.25
CA TYR B 256 -11.89 6.80 -7.52
C TYR B 256 -10.65 5.98 -7.78
N ALA B 257 -9.76 5.94 -6.80
CA ALA B 257 -8.55 5.14 -6.87
C ALA B 257 -8.83 3.69 -7.25
N PHE B 258 -9.86 3.08 -6.68
CA PHE B 258 -10.03 1.63 -6.92
C PHE B 258 -10.76 1.37 -8.24
N SER B 259 -11.28 2.43 -8.84
CA SER B 259 -11.72 2.38 -10.24
C SER B 259 -10.50 2.26 -11.17
N TYR B 260 -9.36 2.73 -10.70
CA TYR B 260 -8.11 2.62 -11.47
C TYR B 260 -6.97 2.10 -10.58
N PRO B 261 -7.16 0.91 -9.98
CA PRO B 261 -6.30 0.43 -8.89
C PRO B 261 -4.81 0.41 -9.25
N PHE B 262 -4.47 0.07 -10.49
CA PHE B 262 -3.04 -0.07 -10.80
C PHE B 262 -2.41 1.22 -11.30
N ASP B 263 -3.14 2.33 -11.20
CA ASP B 263 -2.57 3.63 -11.58
C ASP B 263 -2.32 4.52 -10.37
N PHE B 264 -2.66 4.03 -9.17
CA PHE B 264 -2.46 4.82 -7.97
C PHE B 264 -1.84 4.01 -6.83
N GLY B 265 -0.63 4.42 -6.43
CA GLY B 265 -0.08 3.99 -5.16
C GLY B 265 1.21 3.17 -5.06
N ARG B 266 1.14 1.94 -4.53
CA ARG B 266 -0.09 1.19 -4.17
C ARG B 266 -1.05 1.95 -3.25
N PRO B 267 -0.52 2.61 -2.19
CA PRO B 267 -1.43 3.59 -1.59
C PRO B 267 -1.27 5.02 -2.13
N PHE B 268 -2.34 5.80 -2.31
CA PHE B 268 -3.77 5.47 -2.20
C PHE B 268 -4.30 4.08 -1.78
N PHE B 269 -4.45 3.93 -0.47
CA PHE B 269 -5.20 2.87 0.21
C PHE B 269 -4.81 2.94 1.66
N PHE B 270 -3.56 2.58 1.93
CA PHE B 270 -3.07 2.56 3.30
C PHE B 270 -3.14 3.94 3.93
N SER B 271 -2.65 4.96 3.23
CA SER B 271 -2.64 6.32 3.77
C SER B 271 -4.05 6.76 4.16
N ARG B 272 -5.02 6.51 3.29
CA ARG B 272 -6.39 6.95 3.54
C ARG B 272 -7.07 6.17 4.65
N VAL B 273 -6.91 4.85 4.60
CA VAL B 273 -7.48 3.93 5.58
C VAL B 273 -7.06 4.28 7.03
N ILE B 274 -5.80 4.64 7.18
CA ILE B 274 -5.25 4.99 8.48
C ILE B 274 -5.95 6.25 9.02
N ARG B 275 -6.33 7.16 8.13
CA ARG B 275 -7.05 8.36 8.55
C ARG B 275 -8.35 7.96 9.23
N GLU B 276 -9.00 6.97 8.65
CA GLU B 276 -10.29 6.50 9.11
C GLU B 276 -10.21 5.84 10.49
N GLY B 277 -9.07 5.20 10.77
CA GLY B 277 -8.88 4.59 12.06
C GLY B 277 -8.89 5.61 13.17
N PHE B 278 -8.06 6.63 13.02
CA PHE B 278 -7.93 7.66 14.04
C PHE B 278 -9.20 8.49 14.18
N GLN B 279 -9.88 8.66 13.05
CA GLN B 279 -11.07 9.49 13.06
C GLN B 279 -12.23 8.77 13.70
N ALA B 280 -12.25 7.44 13.53
CA ALA B 280 -13.25 6.62 14.20
C ALA B 280 -13.06 6.72 15.70
N TYR B 281 -11.80 6.61 16.11
CA TYR B 281 -11.42 6.74 17.51
C TYR B 281 -11.78 8.10 18.13
N GLU B 282 -11.55 9.19 17.40
CA GLU B 282 -11.83 10.52 17.95
C GLU B 282 -13.27 10.97 17.78
N LEU B 283 -13.88 10.64 16.65
CA LEU B 283 -15.15 11.28 16.31
C LEU B 283 -16.39 10.40 16.40
N ASP B 284 -16.25 9.08 16.25
CA ASP B 284 -17.46 8.24 16.25
C ASP B 284 -18.06 8.22 17.65
N GLU B 285 -19.34 8.56 17.74
CA GLU B 285 -20.00 8.72 19.04
C GLU B 285 -20.60 7.41 19.51
N SER B 286 -20.89 6.54 18.55
CA SER B 286 -21.60 5.31 18.81
C SER B 286 -21.10 4.21 17.89
N ASP B 287 -21.35 2.96 18.25
CA ASP B 287 -20.88 1.87 17.42
C ASP B 287 -21.64 1.83 16.09
N ASP B 288 -22.85 2.38 16.08
CA ASP B 288 -23.61 2.51 14.84
C ASP B 288 -22.84 3.34 13.82
N GLU B 289 -22.22 4.41 14.30
CA GLU B 289 -21.43 5.26 13.40
C GLU B 289 -20.19 4.54 12.85
N THR B 290 -19.47 3.82 13.72
CA THR B 290 -18.30 3.07 13.26
C THR B 290 -18.72 1.97 12.27
N ARG B 291 -19.85 1.34 12.54
CA ARG B 291 -20.37 0.30 11.66
C ARG B 291 -20.65 0.88 10.27
N GLU B 292 -21.29 2.04 10.23
CA GLU B 292 -21.55 2.69 8.94
C GLU B 292 -20.24 3.08 8.26
N ARG B 293 -19.27 3.50 9.07
CA ARG B 293 -17.96 3.86 8.57
C ARG B 293 -17.31 2.67 7.86
N ALA B 294 -17.32 1.51 8.50
CA ALA B 294 -16.78 0.30 7.89
C ALA B 294 -17.50 -0.06 6.60
N ARG B 295 -18.82 0.07 6.60
CA ARG B 295 -19.59 -0.21 5.39
C ARG B 295 -19.19 0.73 4.26
N ARG B 296 -19.07 2.03 4.56
CA ARG B 296 -18.71 3.00 3.51
C ARG B 296 -17.35 2.65 2.93
N LEU B 297 -16.42 2.28 3.81
CA LEU B 297 -15.07 1.96 3.42
C LEU B 297 -15.03 0.77 2.48
N GLY B 298 -15.69 -0.32 2.87
CA GLY B 298 -15.61 -1.54 2.10
C GLY B 298 -16.27 -1.40 0.75
N GLU B 299 -17.40 -0.70 0.71
CA GLU B 299 -18.12 -0.50 -0.54
C GLU B 299 -17.31 0.38 -1.47
N ALA B 300 -16.66 1.39 -0.90
CA ALA B 300 -15.84 2.33 -1.66
C ALA B 300 -14.72 1.57 -2.32
N ILE B 301 -14.35 0.45 -1.74
CA ILE B 301 -13.26 -0.36 -2.26
C ILE B 301 -13.72 -1.45 -3.25
N ILE B 302 -14.67 -2.26 -2.82
CA ILE B 302 -15.09 -3.39 -3.63
C ILE B 302 -15.82 -2.96 -4.91
N TYR B 303 -16.75 -2.03 -4.79
CA TYR B 303 -17.63 -1.75 -5.92
C TYR B 303 -16.93 -1.11 -7.12
N PRO B 304 -16.13 -0.05 -6.92
CA PRO B 304 -15.45 0.47 -8.11
C PRO B 304 -14.53 -0.57 -8.76
N MET B 305 -13.94 -1.42 -7.93
CA MET B 305 -12.97 -2.38 -8.43
C MET B 305 -13.71 -3.43 -9.26
N LEU B 306 -14.86 -3.85 -8.77
CA LEU B 306 -15.66 -4.86 -9.41
C LEU B 306 -16.21 -4.35 -10.74
N GLU B 307 -16.75 -3.14 -10.69
CA GLU B 307 -17.31 -2.50 -11.87
C GLU B 307 -16.24 -2.38 -12.93
N ARG B 308 -15.01 -2.10 -12.50
CA ARG B 308 -13.94 -1.86 -13.44
C ARG B 308 -13.46 -3.15 -14.09
N ILE B 309 -13.47 -4.23 -13.31
CA ILE B 309 -13.04 -5.51 -13.86
C ILE B 309 -14.08 -5.99 -14.85
N LYS B 310 -15.35 -5.95 -14.46
CA LYS B 310 -16.46 -6.20 -15.37
C LYS B 310 -16.28 -5.45 -16.68
N SER B 311 -16.03 -4.15 -16.58
CA SER B 311 -16.01 -3.26 -17.75
C SER B 311 -14.89 -3.61 -18.71
N ILE B 312 -13.73 -3.95 -18.15
CA ILE B 312 -12.58 -4.33 -18.97
C ILE B 312 -12.80 -5.74 -19.51
N SER B 313 -13.42 -6.58 -18.69
CA SER B 313 -13.76 -7.93 -19.15
C SER B 313 -14.71 -7.90 -20.34
N ALA B 314 -15.45 -6.80 -20.48
CA ALA B 314 -16.41 -6.70 -21.58
C ALA B 314 -15.80 -5.94 -22.76
N GLY B 315 -14.49 -5.74 -22.72
CA GLY B 315 -13.78 -5.16 -23.84
C GLY B 315 -13.44 -3.68 -23.71
N GLU B 316 -14.12 -2.98 -22.79
CA GLU B 316 -13.83 -1.56 -22.57
C GLU B 316 -12.44 -1.32 -21.99
N ALA B 317 -11.77 -0.28 -22.47
CA ALA B 317 -10.54 0.20 -21.87
C ALA B 317 -10.87 1.05 -20.64
N ALA B 318 -9.93 1.18 -19.71
CA ALA B 318 -10.19 1.99 -18.53
C ALA B 318 -9.96 3.46 -18.89
N TYR B 319 -11.00 4.26 -18.74
CA TYR B 319 -10.83 5.68 -18.96
C TYR B 319 -11.72 6.51 -18.07
N GLU B 320 -11.44 7.80 -18.05
CA GLU B 320 -12.23 8.78 -17.31
C GLU B 320 -12.63 9.97 -18.19
N ASP B 321 -13.93 10.23 -18.26
CA ASP B 321 -14.42 11.38 -19.00
C ASP B 321 -14.77 12.50 -18.05
N THR B 322 -14.44 13.74 -18.43
CA THR B 322 -15.00 14.91 -17.78
C THR B 322 -15.45 15.92 -18.87
N VAL B 323 -16.53 16.64 -18.60
CA VAL B 323 -17.00 17.62 -19.56
C VAL B 323 -16.64 19.02 -19.05
N ILE B 324 -16.12 19.85 -19.94
CA ILE B 324 -15.80 21.23 -19.60
C ILE B 324 -16.42 22.20 -20.58
N ASP B 325 -16.85 23.35 -20.08
CA ASP B 325 -17.25 24.47 -20.92
C ASP B 325 -16.04 25.11 -21.57
N VAL B 326 -15.98 25.09 -22.88
CA VAL B 326 -14.89 25.76 -23.57
C VAL B 326 -15.43 26.80 -24.55
N GLU B 327 -14.57 27.74 -24.92
CA GLU B 327 -14.90 28.82 -25.85
C GLU B 327 -15.29 28.29 -27.22
N ASP B 328 -14.51 27.35 -27.74
CA ASP B 328 -14.83 26.71 -29.00
C ASP B 328 -14.11 25.35 -29.07
N ARG B 329 -14.24 24.67 -30.20
CA ARG B 329 -13.52 23.42 -30.42
C ARG B 329 -12.01 23.64 -30.38
N GLU B 330 -11.56 24.79 -30.88
CA GLU B 330 -10.14 25.10 -30.88
C GLU B 330 -9.61 25.10 -29.46
N ALA B 331 -10.32 25.77 -28.56
CA ALA B 331 -9.97 25.84 -27.15
C ALA B 331 -9.85 24.45 -26.52
N ALA B 332 -10.86 23.62 -26.77
CA ALA B 332 -10.84 22.21 -26.43
C ALA B 332 -9.60 21.49 -26.97
N GLU B 333 -9.35 21.64 -28.26
CA GLU B 333 -8.23 20.95 -28.88
C GLU B 333 -6.90 21.47 -28.33
N GLU B 334 -6.86 22.74 -27.95
CA GLU B 334 -5.68 23.32 -27.30
C GLU B 334 -5.43 22.68 -25.93
N PHE B 335 -6.51 22.40 -25.20
CA PHE B 335 -6.37 21.88 -23.86
C PHE B 335 -5.87 20.45 -23.90
N ILE B 336 -6.30 19.70 -24.90
CA ILE B 336 -5.80 18.34 -25.09
C ILE B 336 -4.30 18.38 -25.35
N ARG B 337 -3.86 19.21 -26.30
CA ARG B 337 -2.42 19.29 -26.63
C ARG B 337 -1.59 19.58 -25.38
N HIS B 338 -2.12 20.42 -24.52
CA HIS B 338 -1.48 20.76 -23.26
C HIS B 338 -1.35 19.52 -22.36
N LEU B 339 -2.42 18.75 -22.27
CA LEU B 339 -2.41 17.56 -21.44
C LEU B 339 -1.37 16.60 -21.96
N VAL B 340 -1.35 16.44 -23.29
CA VAL B 340 -0.44 15.48 -23.90
C VAL B 340 1.01 15.85 -23.65
N ARG B 341 1.34 17.13 -23.75
CA ARG B 341 2.74 17.50 -23.59
C ARG B 341 3.15 17.50 -22.11
N LEU B 342 2.19 17.28 -21.22
CA LEU B 342 2.52 16.99 -19.82
C LEU B 342 2.60 15.49 -19.59
N GLY B 343 2.32 14.71 -20.62
CA GLY B 343 2.47 13.26 -20.49
C GLY B 343 1.17 12.55 -20.16
N VAL B 344 0.08 13.30 -20.13
CA VAL B 344 -1.23 12.70 -19.92
C VAL B 344 -1.73 12.04 -21.19
N SER B 345 -2.28 10.83 -21.06
CA SER B 345 -2.88 10.16 -22.19
C SER B 345 -4.35 10.55 -22.34
N ALA B 346 -4.60 11.60 -23.13
CA ALA B 346 -5.93 12.19 -23.22
C ALA B 346 -6.34 12.44 -24.66
N THR B 347 -7.64 12.44 -24.93
CA THR B 347 -8.14 12.80 -26.25
C THR B 347 -9.42 13.57 -26.10
N LEU B 348 -9.80 14.25 -27.17
CA LEU B 348 -11.09 14.88 -27.22
C LEU B 348 -12.06 13.83 -27.70
N ALA B 349 -12.79 13.27 -26.74
CA ALA B 349 -13.72 12.19 -27.02
C ALA B 349 -14.97 12.70 -27.73
N ASP B 350 -15.30 13.97 -27.50
CA ASP B 350 -16.49 14.58 -28.09
C ASP B 350 -16.55 16.10 -27.86
N TYR B 351 -17.08 16.81 -28.84
CA TYR B 351 -17.31 18.24 -28.70
C TYR B 351 -18.69 18.59 -29.24
N ARG B 352 -19.49 19.27 -28.43
CA ARG B 352 -20.82 19.74 -28.81
C ARG B 352 -21.13 21.10 -28.19
N ASP B 353 -21.36 22.10 -29.02
CA ASP B 353 -21.90 23.39 -28.57
C ASP B 353 -21.15 23.95 -27.36
N GLY B 354 -19.83 24.04 -27.47
CA GLY B 354 -19.02 24.59 -26.41
C GLY B 354 -18.68 23.64 -25.27
N ARG B 355 -19.12 22.40 -25.37
CA ARG B 355 -18.86 21.42 -24.30
C ARG B 355 -17.94 20.32 -24.78
N ALA B 356 -16.76 20.26 -24.18
CA ALA B 356 -15.75 19.29 -24.56
C ALA B 356 -15.73 18.09 -23.62
N THR B 357 -15.78 16.89 -24.18
CA THR B 357 -15.58 15.71 -23.36
C THR B 357 -14.11 15.32 -23.42
N ILE B 358 -13.43 15.50 -22.30
CA ILE B 358 -12.02 15.17 -22.17
C ILE B 358 -11.89 13.75 -21.62
N ARG B 359 -11.21 12.87 -22.36
CA ARG B 359 -11.11 11.48 -21.96
C ARG B 359 -9.70 11.15 -21.56
N ARG B 360 -9.52 10.73 -20.31
CA ARG B 360 -8.22 10.26 -19.84
C ARG B 360 -8.12 8.75 -19.89
N PHE B 361 -7.04 8.24 -20.47
CA PHE B 361 -6.79 6.81 -20.46
C PHE B 361 -5.85 6.42 -19.34
N TYR B 362 -6.07 5.22 -18.82
CA TYR B 362 -5.25 4.65 -17.76
C TYR B 362 -4.81 3.26 -18.16
N GLN B 363 -3.71 3.20 -18.91
CA GLN B 363 -3.28 1.98 -19.54
C GLN B 363 -2.80 0.95 -18.55
N SER B 364 -2.20 1.44 -17.47
CA SER B 364 -1.68 0.58 -16.42
C SER B 364 -2.82 -0.32 -15.89
N THR B 365 -3.93 0.29 -15.54
CA THR B 365 -5.10 -0.45 -15.06
C THR B 365 -5.65 -1.38 -16.14
N THR B 366 -5.70 -0.90 -17.38
CA THR B 366 -6.24 -1.69 -18.48
C THR B 366 -5.38 -2.93 -18.77
N ASP B 367 -4.08 -2.71 -18.93
CA ASP B 367 -3.14 -3.76 -19.24
C ASP B 367 -2.99 -4.82 -18.14
N ARG B 368 -2.89 -4.39 -16.88
CA ARG B 368 -2.74 -5.35 -15.81
C ARG B 368 -4.03 -6.16 -15.56
N ILE B 369 -5.17 -5.50 -15.52
CA ILE B 369 -6.43 -6.23 -15.36
C ILE B 369 -6.65 -7.17 -16.55
N ASN B 370 -6.27 -6.71 -17.74
CA ASN B 370 -6.30 -7.56 -18.94
C ASN B 370 -5.38 -8.77 -18.83
N ASN B 371 -4.18 -8.57 -18.30
CA ASN B 371 -3.25 -9.66 -18.18
C ASN B 371 -3.88 -10.76 -17.32
N TYR B 372 -4.33 -10.38 -16.13
CA TYR B 372 -4.97 -11.34 -15.23
C TYR B 372 -6.17 -12.00 -15.89
N LEU B 373 -6.94 -11.22 -16.65
CA LEU B 373 -8.17 -11.76 -17.27
C LEU B 373 -7.86 -12.77 -18.37
N LYS B 374 -6.65 -12.69 -18.92
CA LYS B 374 -6.26 -13.58 -20.01
C LYS B 374 -5.53 -14.79 -19.44
N GLY B 375 -5.49 -14.89 -18.12
CA GLY B 375 -4.90 -16.04 -17.47
C GLY B 375 -3.44 -15.85 -17.07
N GLY B 376 -2.97 -14.60 -17.09
CA GLY B 376 -1.62 -14.32 -16.62
C GLY B 376 -1.53 -14.48 -15.12
N LEU B 377 -0.33 -14.78 -14.64
CA LEU B 377 -0.12 -15.12 -13.23
C LEU B 377 0.23 -13.90 -12.39
N TYR B 378 -0.31 -13.84 -11.16
CA TYR B 378 -0.07 -12.70 -10.28
C TYR B 378 1.42 -12.44 -10.07
S SO4 C . 1.75 -14.10 -2.01
O1 SO4 C . 1.05 -14.04 -3.29
O2 SO4 C . 2.17 -12.75 -1.60
O3 SO4 C . 0.89 -14.70 -0.96
O4 SO4 C . 2.95 -14.93 -2.17
S SO4 D . 5.68 -18.17 -1.17
O1 SO4 D . 5.14 -16.97 -1.78
O2 SO4 D . 7.12 -18.17 -1.38
O3 SO4 D . 5.06 -19.36 -1.77
O4 SO4 D . 5.39 -18.17 0.26
S SO4 E . 26.86 -19.11 -14.21
O1 SO4 E . 25.90 -18.55 -15.15
O2 SO4 E . 27.90 -18.12 -13.93
O3 SO4 E . 26.18 -19.46 -12.97
O4 SO4 E . 27.50 -20.31 -14.77
MG MG F . 1.22 -19.61 4.47
S SO4 G . -1.50 14.08 1.89
O1 SO4 G . -2.82 14.33 1.33
O2 SO4 G . -0.62 15.19 1.53
O3 SO4 G . -1.52 13.98 3.36
O4 SO4 G . -0.99 12.82 1.33
S SO4 H . 0.14 19.10 -0.34
O1 SO4 H . -0.33 19.90 0.80
O2 SO4 H . 1.41 19.62 -0.84
O3 SO4 H . 0.33 17.72 0.08
O4 SO4 H . -0.83 19.23 -1.42
S SO4 I . -20.38 14.60 -7.11
O1 SO4 I . -20.99 15.57 -6.19
O2 SO4 I . -19.68 15.29 -8.18
O3 SO4 I . -19.44 13.76 -6.35
O4 SO4 I . -21.41 13.72 -7.68
MG MG J . -6.90 18.58 -2.91
#